data_4FMF
#
_entry.id   4FMF
#
_cell.length_a   106.288
_cell.length_b   106.288
_cell.length_c   334.622
_cell.angle_alpha   90.00
_cell.angle_beta   90.00
_cell.angle_gamma   120.00
#
_symmetry.space_group_name_H-M   'P 63'
#
loop_
_entity.id
_entity.type
_entity.pdbx_description
1 polymer 'Poliovirus receptor-related protein 1'
2 branched 2-acetamido-2-deoxy-beta-D-glucopyranose-(1-4)-2-acetamido-2-deoxy-beta-D-glucopyranose
3 non-polymer 'FORMIC ACID'
4 water water
#
_entity_poly.entity_id   1
_entity_poly.type   'polypeptide(L)'
_entity_poly.pdbx_seq_one_letter_code
;QVVQVNDSMYGFIGTDVVLHCSFANPLPSVKITQVTWQKSTNGSKQNVAIYNPSMGVSVLAPYRERVEFLRPSFTDGTIR
LSRLELEDEGVYICEFATFPTGNRESQLNLTVMAKPTNWIEGTQAVLRAKKGQDDKVLVATCTSANGKPPSVVSWETRLK
GEAEYQEIRNPNGTVTVISRYRLVPSREAHQQSLACIVNYHMDRFKESLTLNVQYEPEVTIEGFDGNWYLQRMDVKLTCK
ADANPPATEYHWTTLNGSLPKGVEAQNRTLFFKGPINYSLAGTYICEATNPIGTRSGQVEVNITEFPHHHHHH
;
_entity_poly.pdbx_strand_id   A,B,C,D
#
# COMPACT_ATOMS: atom_id res chain seq x y z
N ASN A 6 -12.40 -11.15 10.26
CA ASN A 6 -12.18 -9.91 9.43
C ASN A 6 -13.18 -9.65 8.28
N ASP A 7 -14.03 -10.64 8.07
CA ASP A 7 -14.96 -10.56 6.96
C ASP A 7 -16.37 -11.11 7.27
N SER A 8 -17.40 -10.28 7.13
CA SER A 8 -18.76 -10.68 7.57
C SER A 8 -19.86 -10.71 6.54
N MET A 9 -20.58 -11.81 6.55
CA MET A 9 -21.72 -11.99 5.70
C MET A 9 -23.00 -11.92 6.56
N TYR A 10 -24.01 -11.24 6.05
CA TYR A 10 -25.34 -11.23 6.68
C TYR A 10 -26.35 -11.67 5.65
N GLY A 11 -27.32 -12.46 6.09
CA GLY A 11 -28.46 -12.83 5.24
C GLY A 11 -29.71 -12.95 6.07
N PHE A 12 -30.88 -12.75 5.45
CA PHE A 12 -32.12 -13.07 6.14
C PHE A 12 -32.49 -14.55 6.06
N ILE A 13 -33.20 -15.01 7.09
CA ILE A 13 -33.84 -16.34 7.10
C ILE A 13 -34.48 -16.60 5.77
N GLY A 14 -34.21 -17.76 5.23
CA GLY A 14 -34.87 -18.22 4.01
C GLY A 14 -34.15 -17.86 2.73
N THR A 15 -33.29 -16.87 2.80
CA THR A 15 -32.56 -16.40 1.62
C THR A 15 -31.27 -17.16 1.46
N ASP A 16 -30.52 -16.79 0.43
CA ASP A 16 -29.26 -17.49 0.10
C ASP A 16 -28.07 -16.55 0.26
N VAL A 17 -26.96 -17.09 0.70
CA VAL A 17 -25.69 -16.32 0.65
C VAL A 17 -24.58 -17.08 -0.04
N VAL A 18 -23.66 -16.33 -0.58
CA VAL A 18 -22.52 -16.92 -1.26
C VAL A 18 -21.32 -16.73 -0.34
N LEU A 19 -20.68 -17.82 -0.02
CA LEU A 19 -19.51 -17.75 0.84
C LEU A 19 -18.33 -17.92 -0.06
N HIS A 20 -17.61 -16.82 -0.28
CA HIS A 20 -16.50 -16.78 -1.25
C HIS A 20 -15.25 -17.31 -0.64
N CYS A 21 -14.55 -18.06 -1.48
CA CYS A 21 -13.27 -18.66 -1.11
C CYS A 21 -12.48 -18.88 -2.38
N SER A 22 -11.27 -18.38 -2.44
CA SER A 22 -10.42 -18.67 -3.58
C SER A 22 -8.97 -18.71 -3.19
N PHE A 23 -8.21 -19.51 -3.93
CA PHE A 23 -6.75 -19.66 -3.68
C PHE A 23 -5.90 -18.74 -4.59
N ALA A 24 -5.18 -17.86 -3.91
CA ALA A 24 -4.60 -16.65 -4.51
C ALA A 24 -3.63 -16.93 -5.67
N ASN A 25 -2.59 -17.67 -5.37
CA ASN A 25 -1.46 -17.78 -6.30
C ASN A 25 -1.05 -19.19 -6.60
N PRO A 26 -1.94 -19.89 -7.30
CA PRO A 26 -1.70 -21.24 -7.66
C PRO A 26 -0.36 -21.27 -8.37
N LEU A 27 0.43 -22.26 -8.01
CA LEU A 27 1.77 -22.36 -8.55
C LEU A 27 1.98 -23.72 -9.17
N PRO A 28 2.88 -23.83 -10.15
CA PRO A 28 3.06 -25.14 -10.71
C PRO A 28 3.49 -26.07 -9.59
N SER A 29 4.40 -25.54 -8.76
CA SER A 29 5.04 -26.22 -7.60
C SER A 29 4.05 -26.86 -6.66
N VAL A 30 3.00 -26.12 -6.38
CA VAL A 30 2.10 -26.34 -5.22
C VAL A 30 0.81 -27.00 -5.67
N LYS A 31 0.56 -28.19 -5.20
CA LYS A 31 -0.59 -28.95 -5.66
C LYS A 31 -1.68 -28.91 -4.63
N ILE A 32 -2.86 -28.40 -5.01
CA ILE A 32 -4.06 -28.43 -4.12
C ILE A 32 -4.68 -29.82 -4.09
N THR A 33 -4.76 -30.37 -2.92
CA THR A 33 -5.12 -31.74 -2.72
C THR A 33 -6.58 -31.86 -2.46
N GLN A 34 -7.08 -30.95 -1.66
CA GLN A 34 -8.50 -30.98 -1.23
C GLN A 34 -8.97 -29.61 -0.66
N VAL A 35 -10.24 -29.30 -0.87
CA VAL A 35 -10.81 -28.03 -0.42
C VAL A 35 -11.96 -28.29 0.54
N THR A 36 -11.89 -27.72 1.72
CA THR A 36 -12.85 -28.08 2.76
C THR A 36 -13.46 -26.91 3.47
N TRP A 37 -14.76 -26.92 3.57
CA TRP A 37 -15.50 -25.96 4.41
C TRP A 37 -15.88 -26.59 5.70
N GLN A 38 -15.48 -25.96 6.78
CA GLN A 38 -15.99 -26.33 8.10
C GLN A 38 -16.67 -25.13 8.74
N LYS A 39 -17.58 -25.40 9.63
CA LYS A 39 -18.31 -24.34 10.32
C LYS A 39 -18.00 -24.34 11.81
N SER A 40 -16.97 -23.62 12.16
CA SER A 40 -16.55 -23.49 13.59
C SER A 40 -17.61 -22.82 14.43
N THR A 41 -18.06 -23.51 15.46
CA THR A 41 -19.10 -22.99 16.38
C THR A 41 -18.48 -22.54 17.73
N ASN A 42 -17.39 -21.80 17.59
CA ASN A 42 -16.66 -21.27 18.75
C ASN A 42 -16.30 -22.39 19.76
N GLY A 43 -15.35 -23.19 19.35
CA GLY A 43 -14.83 -24.29 20.16
C GLY A 43 -14.74 -25.61 19.41
N SER A 44 -15.84 -25.94 18.75
CA SER A 44 -15.92 -27.18 17.97
C SER A 44 -15.60 -26.89 16.49
N LYS A 45 -15.86 -27.90 15.66
CA LYS A 45 -15.63 -27.78 14.23
C LYS A 45 -16.32 -28.89 13.46
N GLN A 46 -17.41 -28.54 12.80
CA GLN A 46 -18.16 -29.50 12.00
C GLN A 46 -17.95 -29.25 10.52
N ASN A 47 -17.74 -30.32 9.78
CA ASN A 47 -17.54 -30.24 8.33
C ASN A 47 -18.83 -29.89 7.61
N VAL A 48 -18.69 -29.07 6.61
CA VAL A 48 -19.82 -28.62 5.82
C VAL A 48 -19.84 -29.28 4.42
N ALA A 49 -18.80 -28.95 3.65
CA ALA A 49 -18.67 -29.42 2.28
C ALA A 49 -17.21 -29.63 1.92
N ILE A 50 -16.96 -30.57 1.04
CA ILE A 50 -15.62 -30.91 0.62
C ILE A 50 -15.60 -30.99 -0.88
N TYR A 51 -14.57 -30.42 -1.47
CA TYR A 51 -14.30 -30.66 -2.87
C TYR A 51 -12.91 -31.28 -3.07
N ASN A 52 -12.90 -32.49 -3.59
CA ASN A 52 -11.63 -33.16 -3.91
C ASN A 52 -11.51 -33.35 -5.42
N PRO A 53 -10.55 -32.70 -6.08
CA PRO A 53 -10.34 -32.77 -7.52
C PRO A 53 -10.35 -34.18 -8.09
N SER A 54 -9.71 -35.10 -7.39
CA SER A 54 -9.70 -36.53 -7.83
C SER A 54 -10.97 -37.29 -7.52
N MET A 55 -11.77 -36.80 -6.60
CA MET A 55 -12.91 -37.59 -6.11
C MET A 55 -14.26 -36.95 -6.20
N GLY A 56 -14.26 -35.65 -6.40
CA GLY A 56 -15.51 -34.90 -6.55
C GLY A 56 -15.90 -34.11 -5.33
N VAL A 57 -17.18 -33.85 -5.25
CA VAL A 57 -17.73 -32.99 -4.21
C VAL A 57 -18.48 -33.85 -3.16
N SER A 58 -18.47 -33.36 -1.93
CA SER A 58 -19.23 -33.97 -0.85
C SER A 58 -19.84 -32.98 0.09
N VAL A 59 -21.15 -33.00 0.21
CA VAL A 59 -21.76 -32.18 1.23
C VAL A 59 -22.17 -33.05 2.35
N LEU A 60 -21.63 -32.77 3.51
CA LEU A 60 -21.99 -33.56 4.67
C LEU A 60 -23.36 -33.08 4.96
N ALA A 61 -24.07 -33.80 5.80
CA ALA A 61 -25.46 -33.48 6.16
C ALA A 61 -25.56 -33.09 7.65
N PRO A 62 -26.15 -31.93 7.97
CA PRO A 62 -26.71 -31.14 6.93
C PRO A 62 -25.47 -30.95 6.12
N TYR A 63 -25.55 -30.30 4.98
CA TYR A 63 -26.70 -29.58 4.59
C TYR A 63 -27.09 -30.11 3.27
N ARG A 64 -27.50 -31.37 3.28
CA ARG A 64 -27.45 -32.15 2.03
C ARG A 64 -28.00 -31.43 0.79
N GLU A 65 -29.12 -30.73 0.89
CA GLU A 65 -29.62 -30.08 -0.30
C GLU A 65 -29.44 -28.55 -0.31
N ARG A 66 -28.57 -28.06 0.54
CA ARG A 66 -28.49 -26.57 0.78
C ARG A 66 -27.17 -25.85 0.39
N VAL A 67 -26.16 -26.66 0.17
CA VAL A 67 -24.84 -26.18 -0.23
C VAL A 67 -24.37 -26.77 -1.57
N GLU A 68 -23.91 -25.91 -2.47
CA GLU A 68 -23.15 -26.41 -3.62
C GLU A 68 -22.01 -25.50 -3.95
N PHE A 69 -20.91 -26.10 -4.40
CA PHE A 69 -19.80 -25.33 -4.96
C PHE A 69 -20.26 -24.75 -6.27
N LEU A 70 -20.01 -23.46 -6.44
CA LEU A 70 -20.50 -22.73 -7.61
C LEU A 70 -19.74 -23.18 -8.84
N ARG A 71 -18.46 -23.32 -8.67
CA ARG A 71 -17.61 -23.64 -9.79
C ARG A 71 -16.41 -24.41 -9.23
N PRO A 72 -16.61 -25.69 -8.88
CA PRO A 72 -15.60 -26.37 -8.13
C PRO A 72 -14.35 -26.44 -8.95
N SER A 73 -13.25 -26.26 -8.27
CA SER A 73 -12.01 -25.99 -8.97
C SER A 73 -10.88 -26.13 -8.02
N PHE A 74 -9.72 -26.40 -8.56
CA PHE A 74 -8.50 -26.40 -7.78
C PHE A 74 -8.35 -25.13 -6.90
N THR A 75 -8.95 -24.03 -7.35
CA THR A 75 -8.65 -22.68 -6.77
C THR A 75 -9.87 -21.81 -6.46
N ASP A 76 -11.05 -22.39 -6.68
CA ASP A 76 -12.30 -21.73 -6.33
C ASP A 76 -13.15 -22.67 -5.51
N GLY A 77 -13.38 -22.26 -4.29
CA GLY A 77 -14.14 -23.08 -3.35
C GLY A 77 -15.46 -22.47 -2.94
N THR A 78 -15.77 -21.39 -3.62
CA THR A 78 -16.96 -20.61 -3.34
C THR A 78 -18.13 -21.54 -3.35
N ILE A 79 -18.92 -21.46 -2.29
CA ILE A 79 -20.20 -22.18 -2.17
C ILE A 79 -21.39 -21.23 -2.00
N ARG A 80 -22.57 -21.74 -2.33
CA ARG A 80 -23.80 -21.04 -1.96
C ARG A 80 -24.52 -21.83 -0.92
N LEU A 81 -24.82 -21.17 0.18
CA LEU A 81 -25.67 -21.72 1.26
C LEU A 81 -27.07 -21.18 1.05
N SER A 82 -28.00 -22.08 0.86
CA SER A 82 -29.34 -21.67 0.47
C SER A 82 -30.36 -21.90 1.58
N ARG A 83 -31.48 -21.21 1.46
CA ARG A 83 -32.60 -21.32 2.42
C ARG A 83 -32.04 -21.22 3.82
N LEU A 84 -31.46 -20.07 4.09
CA LEU A 84 -30.72 -19.80 5.34
C LEU A 84 -31.62 -20.08 6.56
N GLU A 85 -31.01 -20.66 7.59
CA GLU A 85 -31.70 -20.85 8.88
C GLU A 85 -30.85 -20.37 10.10
N LEU A 86 -31.53 -20.03 11.19
CA LEU A 86 -30.85 -19.38 12.32
C LEU A 86 -29.62 -20.19 12.71
N GLU A 87 -29.79 -21.51 12.71
CA GLU A 87 -28.72 -22.49 13.09
C GLU A 87 -27.47 -22.35 12.25
N ASP A 88 -27.53 -21.61 11.18
CA ASP A 88 -26.41 -21.48 10.28
C ASP A 88 -25.37 -20.49 10.77
N GLU A 89 -25.75 -19.67 11.74
CA GLU A 89 -24.84 -18.65 12.30
C GLU A 89 -23.57 -19.30 12.71
N GLY A 90 -22.49 -18.62 12.46
CA GLY A 90 -21.21 -19.09 12.95
C GLY A 90 -20.10 -18.64 12.06
N VAL A 91 -18.94 -19.20 12.35
CA VAL A 91 -17.72 -18.83 11.67
C VAL A 91 -17.36 -19.91 10.64
N TYR A 92 -17.22 -19.53 9.38
CA TYR A 92 -16.98 -20.56 8.35
C TYR A 92 -15.55 -20.53 7.93
N ILE A 93 -14.92 -21.68 8.04
CA ILE A 93 -13.50 -21.81 7.65
C ILE A 93 -13.42 -22.54 6.34
N CYS A 94 -12.82 -21.88 5.38
CA CYS A 94 -12.54 -22.44 4.08
C CYS A 94 -11.07 -22.72 3.96
N GLU A 95 -10.74 -23.99 3.82
CA GLU A 95 -9.36 -24.46 3.89
C GLU A 95 -8.91 -25.24 2.68
N PHE A 96 -7.79 -24.83 2.18
CA PHE A 96 -7.18 -25.50 1.06
C PHE A 96 -6.04 -26.38 1.58
N ALA A 97 -6.17 -27.69 1.39
CA ALA A 97 -5.07 -28.65 1.68
C ALA A 97 -4.20 -28.75 0.44
N THR A 98 -2.91 -28.54 0.64
CA THR A 98 -1.96 -28.49 -0.46
C THR A 98 -0.66 -29.23 -0.13
N PHE A 99 -0.01 -29.75 -1.17
CA PHE A 99 1.34 -30.32 -1.04
C PHE A 99 2.32 -29.61 -1.98
N PRO A 100 3.49 -29.19 -1.49
CA PRO A 100 4.04 -29.52 -0.19
C PRO A 100 3.83 -28.52 0.92
N THR A 101 3.06 -27.50 0.64
CA THR A 101 3.10 -26.27 1.47
C THR A 101 2.10 -26.25 2.64
N GLY A 102 1.27 -27.26 2.69
CA GLY A 102 0.33 -27.40 3.81
C GLY A 102 -0.99 -26.72 3.57
N ASN A 103 -1.65 -26.34 4.66
CA ASN A 103 -2.99 -25.77 4.61
C ASN A 103 -2.98 -24.30 4.52
N ARG A 104 -4.04 -23.81 3.92
CA ARG A 104 -4.27 -22.38 3.71
C ARG A 104 -5.74 -22.11 3.96
N GLU A 105 -6.02 -21.31 4.97
CA GLU A 105 -7.43 -21.09 5.28
C GLU A 105 -7.85 -19.62 5.39
N SER A 106 -9.13 -19.40 5.15
CA SER A 106 -9.76 -18.12 5.37
C SER A 106 -11.04 -18.32 6.17
N GLN A 107 -11.46 -17.28 6.88
CA GLN A 107 -12.64 -17.36 7.70
C GLN A 107 -13.63 -16.28 7.26
N LEU A 108 -14.92 -16.56 7.42
CA LEU A 108 -15.93 -15.47 7.41
C LEU A 108 -17.05 -15.73 8.36
N ASN A 109 -17.59 -14.65 8.88
CA ASN A 109 -18.67 -14.73 9.88
C ASN A 109 -20.00 -14.71 9.16
N LEU A 110 -20.85 -15.67 9.45
CA LEU A 110 -22.21 -15.65 8.89
C LEU A 110 -23.16 -15.28 10.00
N THR A 111 -23.84 -14.18 9.82
CA THR A 111 -24.87 -13.72 10.75
C THR A 111 -26.19 -13.87 10.01
N VAL A 112 -27.10 -14.60 10.60
CA VAL A 112 -28.43 -14.83 9.99
C VAL A 112 -29.41 -13.93 10.67
N MET A 113 -30.17 -13.19 9.90
CA MET A 113 -31.12 -12.21 10.48
C MET A 113 -32.58 -12.68 10.35
N ALA A 114 -33.44 -12.24 11.25
CA ALA A 114 -34.89 -12.54 11.16
C ALA A 114 -35.74 -11.29 11.33
N LYS A 115 -36.66 -11.09 10.39
CA LYS A 115 -37.52 -9.91 10.41
C LYS A 115 -38.58 -10.14 11.47
N PRO A 116 -38.72 -9.23 12.42
CA PRO A 116 -39.75 -9.37 13.44
C PRO A 116 -41.14 -9.24 12.88
N THR A 117 -42.09 -9.65 13.69
CA THR A 117 -43.51 -9.49 13.43
C THR A 117 -44.05 -8.45 14.39
N ASN A 118 -44.62 -7.39 13.86
CA ASN A 118 -45.03 -6.26 14.69
C ASN A 118 -46.48 -6.01 14.74
N TRP A 119 -46.95 -5.68 15.92
CA TRP A 119 -48.35 -5.21 16.08
C TRP A 119 -48.60 -4.44 17.33
N ILE A 120 -49.74 -3.76 17.31
CA ILE A 120 -50.30 -3.08 18.49
C ILE A 120 -51.65 -3.67 18.86
N GLU A 121 -51.96 -3.73 20.14
CA GLU A 121 -53.31 -4.15 20.55
C GLU A 121 -53.72 -3.43 21.84
N GLY A 122 -54.91 -2.84 21.79
CA GLY A 122 -55.46 -2.07 22.94
C GLY A 122 -56.11 -3.02 23.92
N THR A 123 -56.49 -2.52 25.10
CA THR A 123 -57.06 -3.42 26.12
C THR A 123 -58.36 -3.83 25.58
N GLN A 124 -58.83 -4.97 26.03
CA GLN A 124 -60.19 -5.38 25.75
C GLN A 124 -61.15 -4.68 26.69
N ALA A 125 -60.61 -4.20 27.79
CA ALA A 125 -61.43 -3.44 28.79
C ALA A 125 -61.91 -2.12 28.21
N VAL A 126 -63.08 -1.67 28.64
CA VAL A 126 -63.58 -0.36 28.21
C VAL A 126 -63.05 0.72 29.14
N LEU A 127 -62.25 1.58 28.57
CA LEU A 127 -61.58 2.58 29.37
C LEU A 127 -62.59 3.58 29.90
N ARG A 128 -62.48 3.82 31.19
CA ARG A 128 -63.41 4.71 31.92
C ARG A 128 -62.65 5.65 32.85
N ALA A 129 -62.79 6.95 32.62
CA ALA A 129 -62.24 7.96 33.54
C ALA A 129 -63.02 7.96 34.84
N LYS A 130 -62.35 8.28 35.95
CA LYS A 130 -63.07 8.59 37.20
C LYS A 130 -62.30 9.51 38.11
N LYS A 131 -63.00 10.50 38.65
CA LYS A 131 -62.44 11.44 39.65
C LYS A 131 -61.94 10.70 40.88
N GLY A 132 -60.70 10.98 41.26
CA GLY A 132 -60.05 10.33 42.41
C GLY A 132 -59.24 9.07 42.08
N GLN A 133 -59.46 8.53 40.89
CA GLN A 133 -58.66 7.40 40.39
C GLN A 133 -57.31 7.93 39.89
N ASP A 134 -56.29 7.64 40.66
CA ASP A 134 -54.92 8.07 40.33
C ASP A 134 -54.22 6.97 39.56
N ASP A 135 -54.92 5.86 39.39
CA ASP A 135 -54.26 4.60 39.00
C ASP A 135 -54.06 4.46 37.51
N LYS A 136 -52.80 4.29 37.13
CA LYS A 136 -52.43 4.10 35.72
C LYS A 136 -52.91 2.74 35.25
N VAL A 137 -53.49 2.72 34.07
CA VAL A 137 -54.16 1.51 33.58
C VAL A 137 -53.57 1.13 32.22
N LEU A 138 -53.50 -0.15 31.94
CA LEU A 138 -52.97 -0.58 30.65
C LEU A 138 -53.89 -0.16 29.54
N VAL A 139 -53.34 0.41 28.49
CA VAL A 139 -54.21 0.83 27.36
C VAL A 139 -53.78 0.30 26.00
N ALA A 140 -52.53 -0.08 25.87
CA ALA A 140 -52.07 -0.68 24.63
C ALA A 140 -50.76 -1.43 24.82
N THR A 141 -50.58 -2.44 24.01
CA THR A 141 -49.38 -3.26 24.07
C THR A 141 -48.80 -3.31 22.67
N CYS A 142 -47.53 -3.01 22.58
CA CYS A 142 -46.85 -3.01 21.27
C CYS A 142 -45.85 -4.12 21.29
N THR A 143 -45.96 -4.97 20.31
CA THR A 143 -45.12 -6.19 20.26
C THR A 143 -44.36 -6.31 18.97
N SER A 144 -43.07 -6.47 19.11
CA SER A 144 -42.21 -6.79 17.98
C SER A 144 -41.56 -8.16 18.23
N ALA A 145 -42.14 -9.17 17.61
CA ALA A 145 -41.87 -10.56 18.00
C ALA A 145 -40.83 -11.30 17.12
N ASN A 146 -40.04 -12.11 17.80
CA ASN A 146 -39.02 -13.01 17.17
C ASN A 146 -38.15 -12.38 16.10
N GLY A 147 -37.67 -11.18 16.40
CA GLY A 147 -36.74 -10.47 15.50
C GLY A 147 -35.29 -10.75 15.84
N LYS A 148 -34.42 -10.57 14.87
CA LYS A 148 -33.00 -10.69 15.10
C LYS A 148 -32.28 -9.92 14.05
N PRO A 149 -31.46 -8.93 14.47
CA PRO A 149 -31.27 -8.50 15.84
C PRO A 149 -32.54 -7.87 16.40
N PRO A 150 -32.57 -7.58 17.71
CA PRO A 150 -33.75 -7.07 18.32
C PRO A 150 -34.08 -5.76 17.75
N SER A 151 -35.36 -5.52 17.57
CA SER A 151 -35.81 -4.23 17.03
C SER A 151 -35.92 -3.30 18.19
N VAL A 152 -36.32 -2.09 17.91
CA VAL A 152 -36.41 -1.06 18.94
C VAL A 152 -37.83 -0.51 18.95
N VAL A 153 -38.49 -0.65 20.10
CA VAL A 153 -39.90 -0.26 20.19
C VAL A 153 -40.01 1.10 20.88
N SER A 154 -40.93 1.90 20.36
CA SER A 154 -41.23 3.19 20.96
C SER A 154 -42.66 3.59 20.65
N TRP A 155 -43.10 4.66 21.29
CA TRP A 155 -44.44 5.21 21.03
C TRP A 155 -44.41 6.60 20.44
N GLU A 156 -45.42 6.85 19.62
CA GLU A 156 -45.67 8.18 19.08
C GLU A 156 -47.06 8.65 19.44
N THR A 157 -47.10 9.51 20.44
CA THR A 157 -48.34 10.05 20.99
C THR A 157 -48.10 11.31 21.75
N ARG A 158 -49.12 12.15 21.81
CA ARG A 158 -49.05 13.36 22.68
C ARG A 158 -49.78 13.12 24.01
N LEU A 159 -50.31 11.92 24.15
CA LEU A 159 -50.79 11.41 25.43
C LEU A 159 -49.62 11.44 26.36
N LYS A 160 -49.94 11.58 27.63
CA LYS A 160 -48.90 11.58 28.66
C LYS A 160 -49.03 10.40 29.59
N GLY A 161 -48.56 9.29 29.09
CA GLY A 161 -48.57 8.02 29.83
C GLY A 161 -47.16 7.48 29.98
N GLU A 162 -47.04 6.35 30.65
CA GLU A 162 -45.74 5.73 30.90
C GLU A 162 -45.62 4.50 30.07
N ALA A 163 -44.46 4.26 29.53
CA ALA A 163 -44.25 3.00 28.82
C ALA A 163 -43.18 2.18 29.52
N GLU A 164 -43.49 0.91 29.63
CA GLU A 164 -42.59 -0.09 30.19
C GLU A 164 -42.15 -0.92 28.99
N TYR A 165 -40.92 -1.40 29.02
CA TYR A 165 -40.39 -2.19 27.89
C TYR A 165 -39.78 -3.46 28.40
N GLN A 166 -40.01 -4.52 27.67
CA GLN A 166 -39.48 -5.84 28.02
C GLN A 166 -38.82 -6.55 26.84
N GLU A 167 -37.72 -7.23 27.11
CA GLU A 167 -37.05 -8.02 26.08
C GLU A 167 -36.97 -9.47 26.46
N ILE A 168 -37.49 -10.31 25.59
CA ILE A 168 -37.38 -11.79 25.77
C ILE A 168 -36.48 -12.43 24.71
N ARG A 169 -35.38 -13.00 25.17
CA ARG A 169 -34.46 -13.66 24.28
C ARG A 169 -34.95 -15.07 24.19
N ASN A 170 -35.37 -15.47 23.02
CA ASN A 170 -35.77 -16.86 22.78
C ASN A 170 -34.53 -17.76 22.61
N PRO A 171 -34.70 -19.07 22.81
CA PRO A 171 -33.57 -19.98 22.71
C PRO A 171 -32.97 -19.99 21.32
N ASN A 172 -33.82 -19.88 20.30
CA ASN A 172 -33.36 -19.84 18.86
C ASN A 172 -32.47 -18.64 18.50
N GLY A 173 -32.40 -17.70 19.41
CA GLY A 173 -31.56 -16.53 19.19
C GLY A 173 -32.30 -15.28 18.80
N THR A 174 -33.55 -15.44 18.39
CA THR A 174 -34.40 -14.27 18.10
C THR A 174 -34.74 -13.57 19.43
N VAL A 175 -35.32 -12.38 19.33
CA VAL A 175 -35.67 -11.55 20.49
C VAL A 175 -37.00 -10.85 20.30
N THR A 176 -37.92 -11.13 21.22
CA THR A 176 -39.23 -10.45 21.26
C THR A 176 -39.13 -9.21 22.16
N VAL A 177 -39.54 -8.06 21.63
CA VAL A 177 -39.67 -6.83 22.43
C VAL A 177 -41.14 -6.48 22.63
N ILE A 178 -41.51 -6.31 23.87
CA ILE A 178 -42.88 -5.95 24.24
C ILE A 178 -42.86 -4.64 25.01
N SER A 179 -43.74 -3.74 24.62
CA SER A 179 -43.93 -2.50 25.39
C SER A 179 -45.38 -2.37 25.84
N ARG A 180 -45.56 -2.13 27.12
CA ARG A 180 -46.86 -1.87 27.68
C ARG A 180 -47.03 -0.38 28.00
N TYR A 181 -48.08 0.22 27.44
CA TYR A 181 -48.37 1.64 27.58
C TYR A 181 -49.49 1.81 28.57
N ARG A 182 -49.18 2.47 29.67
CA ARG A 182 -50.17 2.71 30.74
C ARG A 182 -50.44 4.19 30.88
N LEU A 183 -51.67 4.52 31.22
CA LEU A 183 -52.03 5.89 31.66
C LEU A 183 -53.23 5.92 32.61
N VAL A 184 -53.45 7.04 33.27
CA VAL A 184 -54.70 7.24 34.05
C VAL A 184 -55.79 7.86 33.16
N PRO A 185 -56.83 7.10 32.82
CA PRO A 185 -57.83 7.50 31.84
C PRO A 185 -58.55 8.77 32.25
N SER A 186 -58.65 9.67 31.28
CA SER A 186 -59.20 11.04 31.51
C SER A 186 -59.98 11.51 30.31
N ARG A 187 -60.79 12.54 30.54
CA ARG A 187 -61.59 13.16 29.47
C ARG A 187 -60.68 13.54 28.28
N GLU A 188 -59.56 14.19 28.62
CA GLU A 188 -58.55 14.62 27.63
C GLU A 188 -57.95 13.47 26.80
N ALA A 189 -57.89 12.29 27.39
CA ALA A 189 -57.32 11.11 26.70
C ALA A 189 -58.22 10.57 25.61
N HIS A 190 -59.48 10.96 25.64
CA HIS A 190 -60.45 10.43 24.66
C HIS A 190 -60.11 10.86 23.27
N GLN A 191 -60.32 9.94 22.34
CA GLN A 191 -60.05 10.15 20.88
C GLN A 191 -58.61 10.58 20.50
N GLN A 192 -57.75 10.61 21.50
CA GLN A 192 -56.32 10.81 21.30
C GLN A 192 -55.74 9.61 20.58
N SER A 193 -54.84 9.86 19.64
CA SER A 193 -54.21 8.74 18.95
C SER A 193 -52.87 8.33 19.53
N LEU A 194 -52.70 7.03 19.69
CA LEU A 194 -51.48 6.47 20.21
C LEU A 194 -50.95 5.28 19.42
N ALA A 195 -50.06 5.56 18.47
CA ALA A 195 -49.50 4.51 17.63
C ALA A 195 -48.12 4.09 18.14
N CYS A 196 -47.83 2.80 18.00
CA CYS A 196 -46.53 2.26 18.40
C CYS A 196 -45.58 2.20 17.22
N ILE A 197 -44.31 2.48 17.52
CA ILE A 197 -43.25 2.50 16.50
C ILE A 197 -42.24 1.42 16.77
N VAL A 198 -41.83 0.78 15.71
CA VAL A 198 -40.82 -0.30 15.80
C VAL A 198 -39.82 -0.17 14.67
N ASN A 199 -38.60 0.25 15.00
CA ASN A 199 -37.52 0.35 14.01
C ASN A 199 -36.68 -0.92 13.90
N TYR A 200 -36.58 -1.45 12.70
CA TYR A 200 -35.79 -2.66 12.43
C TYR A 200 -35.07 -2.57 11.08
N HIS A 201 -33.77 -2.72 11.13
CA HIS A 201 -32.94 -2.71 9.90
C HIS A 201 -33.31 -1.53 9.03
N MET A 202 -33.46 -0.37 9.68
CA MET A 202 -33.72 0.94 9.03
C MET A 202 -35.14 1.09 8.44
N ASP A 203 -35.98 0.10 8.67
CA ASP A 203 -37.42 0.23 8.35
C ASP A 203 -38.05 0.84 9.55
N ARG A 204 -39.04 1.67 9.30
CA ARG A 204 -39.88 2.19 10.39
C ARG A 204 -41.34 1.70 10.31
N PHE A 205 -41.71 0.79 11.18
CA PHE A 205 -43.09 0.28 11.26
C PHE A 205 -43.89 1.18 12.19
N LYS A 206 -45.13 1.43 11.82
CA LYS A 206 -46.05 2.20 12.67
C LYS A 206 -47.48 1.65 12.66
N GLU A 207 -48.05 1.45 13.84
CA GLU A 207 -49.46 1.05 13.94
C GLU A 207 -50.20 1.84 15.01
N SER A 208 -51.35 2.41 14.68
CA SER A 208 -52.03 3.37 15.59
C SER A 208 -53.34 2.86 16.21
N LEU A 209 -53.62 3.40 17.38
CA LEU A 209 -54.93 3.24 18.04
C LEU A 209 -55.51 4.59 18.22
N THR A 210 -56.81 4.64 18.29
CA THR A 210 -57.47 5.79 18.84
C THR A 210 -58.17 5.36 20.12
N LEU A 211 -57.78 5.99 21.21
CA LEU A 211 -58.38 5.70 22.53
C LEU A 211 -59.87 6.06 22.58
N ASN A 212 -60.61 5.23 23.26
CA ASN A 212 -62.00 5.52 23.58
C ASN A 212 -62.12 5.49 25.09
N VAL A 213 -62.25 6.66 25.66
CA VAL A 213 -62.40 6.81 27.09
C VAL A 213 -63.78 7.34 27.41
N GLN A 214 -64.55 6.58 28.18
CA GLN A 214 -65.90 7.04 28.64
C GLN A 214 -65.75 7.92 29.89
N TYR A 215 -66.62 8.91 30.03
CA TYR A 215 -66.56 9.87 31.16
C TYR A 215 -67.88 10.59 31.46
N GLU A 216 -68.03 10.96 32.73
CA GLU A 216 -69.18 11.78 33.18
C GLU A 216 -69.25 13.12 32.46
N PRO A 217 -70.47 13.65 32.25
CA PRO A 217 -70.64 14.86 31.47
C PRO A 217 -70.01 16.11 32.08
N GLU A 218 -69.45 16.94 31.22
CA GLU A 218 -69.00 18.28 31.60
C GLU A 218 -69.87 19.31 30.90
N VAL A 219 -70.64 20.03 31.70
CA VAL A 219 -71.74 20.87 31.18
C VAL A 219 -71.37 22.35 30.95
N THR A 220 -71.72 22.82 29.78
CA THR A 220 -71.54 24.22 29.42
C THR A 220 -72.87 24.77 28.94
N ILE A 221 -73.13 26.02 29.24
CA ILE A 221 -74.35 26.66 28.74
C ILE A 221 -74.01 27.87 27.88
N GLU A 222 -74.49 27.84 26.65
CA GLU A 222 -74.21 28.89 25.67
C GLU A 222 -75.47 29.70 25.40
N GLY A 223 -75.48 30.39 24.29
CA GLY A 223 -76.66 31.18 23.89
C GLY A 223 -76.90 32.43 24.73
N PHE A 224 -76.21 32.53 25.86
CA PHE A 224 -76.26 33.77 26.66
C PHE A 224 -75.38 34.83 26.01
N ASP A 225 -75.93 36.03 26.04
CA ASP A 225 -75.35 37.17 25.33
C ASP A 225 -75.11 38.28 26.35
N GLY A 226 -74.04 39.02 26.13
CA GLY A 226 -73.70 40.17 26.97
C GLY A 226 -74.91 41.02 27.33
N ASN A 227 -75.64 41.42 26.29
CA ASN A 227 -76.85 42.25 26.45
C ASN A 227 -78.16 41.50 26.18
N TRP A 228 -79.08 41.64 27.12
CA TRP A 228 -80.47 41.15 26.94
C TRP A 228 -81.45 42.25 27.34
N TYR A 229 -82.18 42.75 26.35
CA TYR A 229 -83.06 43.92 26.54
C TYR A 229 -84.12 43.72 27.59
N LEU A 230 -84.70 44.85 27.96
CA LEU A 230 -86.10 44.86 28.24
C LEU A 230 -86.73 44.54 26.86
N GLN A 231 -87.63 43.57 26.90
CA GLN A 231 -88.50 43.22 25.73
C GLN A 231 -87.77 42.89 24.40
N ARG A 232 -86.64 42.22 24.50
CA ARG A 232 -86.01 41.60 23.30
C ARG A 232 -86.80 40.35 22.88
N MET A 233 -86.71 39.98 21.61
CA MET A 233 -87.42 38.80 21.13
C MET A 233 -86.72 37.47 21.39
N ASP A 234 -87.55 36.47 21.66
CA ASP A 234 -87.33 35.05 21.24
C ASP A 234 -85.93 34.45 21.42
N VAL A 235 -85.46 34.48 22.65
CA VAL A 235 -84.06 34.12 22.94
C VAL A 235 -83.91 32.74 23.57
N LYS A 236 -82.90 32.01 23.13
CA LYS A 236 -82.68 30.63 23.61
C LYS A 236 -81.48 30.53 24.54
N LEU A 237 -81.55 29.54 25.40
CA LEU A 237 -80.36 29.00 26.07
C LEU A 237 -80.14 27.57 25.59
N THR A 238 -78.89 27.23 25.33
CA THR A 238 -78.59 25.91 24.79
C THR A 238 -77.50 25.21 25.60
N CYS A 239 -77.83 23.99 26.03
CA CYS A 239 -76.96 23.20 26.95
C CYS A 239 -76.13 22.13 26.21
N LYS A 240 -74.91 22.50 25.85
CA LYS A 240 -73.95 21.54 25.26
C LYS A 240 -73.23 20.78 26.35
N ALA A 241 -73.57 19.50 26.48
CA ALA A 241 -72.97 18.60 27.49
C ALA A 241 -72.00 17.61 26.87
N ASP A 242 -70.73 17.86 27.15
CA ASP A 242 -69.61 17.02 26.69
C ASP A 242 -69.58 15.73 27.50
N ALA A 243 -69.95 14.64 26.85
CA ALA A 243 -69.98 13.33 27.48
C ALA A 243 -69.74 12.20 26.50
N ASN A 244 -69.23 11.12 27.05
CA ASN A 244 -69.00 9.88 26.29
C ASN A 244 -69.23 8.69 27.20
N PRO A 245 -70.20 7.84 26.83
CA PRO A 245 -71.06 8.02 25.68
C PRO A 245 -71.92 9.29 25.82
N PRO A 246 -72.53 9.77 24.73
CA PRO A 246 -73.29 11.01 24.78
C PRO A 246 -74.42 10.96 25.79
N ALA A 247 -74.79 12.13 26.29
CA ALA A 247 -75.85 12.26 27.31
C ALA A 247 -77.22 11.98 26.70
N THR A 248 -78.04 11.29 27.47
CA THR A 248 -79.40 10.89 27.01
C THR A 248 -80.56 11.68 27.67
N GLU A 249 -80.23 12.42 28.71
CA GLU A 249 -81.21 13.26 29.42
C GLU A 249 -80.70 14.63 29.80
N TYR A 250 -81.56 15.61 29.57
CA TYR A 250 -81.28 17.00 29.96
C TYR A 250 -82.44 17.58 30.78
N HIS A 251 -82.15 17.88 32.05
CA HIS A 251 -83.18 18.45 32.97
C HIS A 251 -82.80 19.82 33.50
N TRP A 252 -83.74 20.76 33.36
CA TRP A 252 -83.52 22.16 33.74
C TRP A 252 -84.08 22.52 35.11
N THR A 253 -83.46 23.51 35.73
CA THR A 253 -83.97 24.14 36.99
C THR A 253 -83.40 25.55 37.17
N THR A 254 -83.98 26.31 38.08
CA THR A 254 -83.38 27.58 38.55
C THR A 254 -82.80 27.40 39.97
N LEU A 255 -81.91 28.32 40.33
CA LEU A 255 -81.27 28.30 41.67
C LEU A 255 -82.27 28.65 42.78
N ASN A 256 -83.39 29.21 42.35
CA ASN A 256 -84.50 29.58 43.27
C ASN A 256 -85.75 28.69 43.09
N GLY A 257 -85.50 27.49 42.60
CA GLY A 257 -86.53 26.44 42.45
C GLY A 257 -87.36 26.47 41.17
N SER A 258 -88.18 27.50 41.05
CA SER A 258 -89.23 27.55 40.01
C SER A 258 -88.85 28.23 38.68
N LEU A 259 -89.39 27.65 37.63
CA LEU A 259 -89.23 28.13 36.23
C LEU A 259 -90.28 29.19 35.90
N PRO A 260 -89.84 30.43 35.67
CA PRO A 260 -90.76 31.51 35.33
C PRO A 260 -91.59 31.23 34.08
N LYS A 261 -92.85 30.89 34.29
CA LYS A 261 -93.79 30.68 33.17
C LYS A 261 -93.95 32.01 32.43
N GLY A 262 -93.86 31.99 31.11
CA GLY A 262 -93.64 30.77 30.31
C GLY A 262 -92.28 30.68 29.65
N VAL A 263 -91.41 29.91 30.28
CA VAL A 263 -90.13 29.55 29.68
C VAL A 263 -90.15 28.05 29.45
N GLU A 264 -90.16 27.67 28.18
CA GLU A 264 -90.37 26.26 27.83
C GLU A 264 -89.06 25.51 27.71
N ALA A 265 -89.05 24.32 28.26
CA ALA A 265 -87.93 23.40 28.13
C ALA A 265 -88.25 22.36 27.07
N GLN A 266 -87.53 22.45 25.98
CA GLN A 266 -87.45 21.38 25.02
C GLN A 266 -86.02 21.00 25.40
N ASN A 267 -85.77 19.70 25.40
CA ASN A 267 -84.67 19.12 26.17
C ASN A 267 -83.38 19.66 25.63
N ARG A 268 -82.62 20.26 26.53
CA ARG A 268 -81.26 20.68 26.17
C ARG A 268 -81.34 21.95 25.32
N THR A 269 -82.56 22.44 25.21
CA THR A 269 -82.82 23.83 24.81
C THR A 269 -83.85 24.43 25.75
N LEU A 270 -83.63 25.68 26.07
CA LEU A 270 -84.41 26.40 27.08
C LEU A 270 -84.91 27.70 26.47
N PHE A 271 -86.08 27.60 25.86
CA PHE A 271 -86.64 28.71 25.05
C PHE A 271 -87.42 29.75 25.87
N PHE A 272 -87.08 31.00 25.59
CA PHE A 272 -87.83 32.15 26.10
C PHE A 272 -88.58 32.82 24.95
N LYS A 273 -89.89 32.77 25.04
CA LYS A 273 -90.73 33.33 23.98
C LYS A 273 -90.83 34.85 24.04
N GLY A 274 -90.51 35.46 22.91
CA GLY A 274 -90.82 36.87 22.66
C GLY A 274 -90.45 37.68 23.89
N PRO A 275 -91.42 38.38 24.49
CA PRO A 275 -91.17 39.45 25.43
C PRO A 275 -90.32 38.98 26.61
N ILE A 276 -89.32 39.79 26.92
CA ILE A 276 -88.48 39.65 28.13
C ILE A 276 -88.83 40.78 29.09
N ASN A 277 -88.61 40.56 30.36
CA ASN A 277 -88.94 41.57 31.37
C ASN A 277 -87.86 41.68 32.44
N TYR A 278 -88.19 42.36 33.53
CA TYR A 278 -87.23 42.47 34.66
C TYR A 278 -87.24 41.22 35.57
N SER A 279 -88.32 40.47 35.49
CA SER A 279 -88.33 39.08 35.92
C SER A 279 -87.52 38.33 34.85
N LEU A 280 -87.25 37.06 35.08
CA LEU A 280 -86.33 36.24 34.22
C LEU A 280 -84.87 36.47 34.59
N ALA A 281 -84.65 37.25 35.63
CA ALA A 281 -83.34 37.29 36.25
C ALA A 281 -83.18 35.95 36.96
N GLY A 282 -81.98 35.41 36.96
CA GLY A 282 -81.66 34.20 37.76
C GLY A 282 -80.64 33.21 37.25
N THR A 283 -80.12 32.42 38.17
CA THR A 283 -79.22 31.30 37.83
C THR A 283 -80.03 30.22 37.15
N TYR A 284 -79.53 29.75 36.01
CA TYR A 284 -80.14 28.62 35.31
C TYR A 284 -79.18 27.44 35.23
N ILE A 285 -79.72 26.25 35.46
CA ILE A 285 -78.91 25.01 35.55
C ILE A 285 -79.44 23.87 34.67
N CYS A 286 -78.53 23.32 33.89
CA CYS A 286 -78.79 22.12 33.07
C CYS A 286 -78.16 20.93 33.75
N GLU A 287 -78.94 19.87 33.90
CA GLU A 287 -78.44 18.64 34.51
C GLU A 287 -78.43 17.50 33.51
N ALA A 288 -77.23 17.22 33.02
CA ALA A 288 -77.02 16.15 32.03
C ALA A 288 -76.74 14.81 32.70
N THR A 289 -77.22 13.77 32.05
CA THR A 289 -77.02 12.41 32.54
C THR A 289 -76.63 11.48 31.41
N ASN A 290 -75.67 10.64 31.73
CA ASN A 290 -75.20 9.61 30.81
C ASN A 290 -74.79 8.41 31.63
N PRO A 291 -74.62 7.24 30.96
CA PRO A 291 -74.37 5.96 31.61
C PRO A 291 -73.38 6.03 32.74
N ILE A 292 -72.38 6.89 32.55
CA ILE A 292 -71.39 7.14 33.59
C ILE A 292 -72.00 7.96 34.70
N GLY A 293 -72.74 8.97 34.29
CA GLY A 293 -72.71 10.18 35.07
C GLY A 293 -73.99 10.90 35.35
N THR A 294 -73.79 11.96 36.09
CA THR A 294 -74.72 13.10 36.16
C THR A 294 -73.91 14.29 36.66
N ARG A 295 -74.14 15.43 36.04
CA ARG A 295 -73.44 16.67 36.39
C ARG A 295 -74.18 17.89 35.81
N SER A 296 -73.85 19.07 36.30
CA SER A 296 -74.59 20.27 35.90
C SER A 296 -73.72 21.48 35.61
N GLY A 297 -74.34 22.45 34.97
CA GLY A 297 -73.71 23.73 34.63
C GLY A 297 -74.67 24.85 34.97
N GLN A 298 -74.20 26.07 34.81
CA GLN A 298 -74.94 27.27 35.26
C GLN A 298 -74.78 28.49 34.35
N VAL A 299 -75.70 29.41 34.50
CA VAL A 299 -75.59 30.76 33.89
C VAL A 299 -76.27 31.82 34.77
N GLU A 300 -75.57 32.91 35.01
CA GLU A 300 -76.14 34.08 35.67
C GLU A 300 -76.70 35.04 34.60
N VAL A 301 -77.99 35.27 34.68
CA VAL A 301 -78.70 35.99 33.59
C VAL A 301 -79.01 37.47 33.91
N ASN A 302 -78.52 38.34 33.04
CA ASN A 302 -78.79 39.78 33.08
C ASN A 302 -79.82 40.28 32.05
N ILE A 303 -80.67 41.19 32.50
CA ILE A 303 -81.63 41.89 31.62
C ILE A 303 -81.81 43.37 31.99
N THR A 304 -81.42 44.25 31.08
CA THR A 304 -81.59 45.72 31.26
C THR A 304 -81.94 46.43 29.94
N GLU A 305 -82.14 47.74 30.03
CA GLU A 305 -82.63 48.63 28.91
C GLU A 305 -81.82 49.00 27.66
N PHE A 306 -80.58 49.37 27.89
CA PHE A 306 -79.68 49.78 26.82
C PHE A 306 -78.94 48.51 26.47
N PRO A 307 -78.59 48.32 25.19
CA PRO A 307 -77.70 47.29 24.72
C PRO A 307 -76.32 47.78 24.27
N ASN B 6 -6.01 -30.51 25.42
CA ASN B 6 -6.29 -31.48 26.53
C ASN B 6 -5.11 -32.37 26.90
N ASP B 7 -4.02 -32.20 26.18
CA ASP B 7 -2.90 -33.11 26.33
C ASP B 7 -1.56 -32.40 26.20
N SER B 8 -0.70 -32.58 27.18
CA SER B 8 0.56 -31.81 27.18
C SER B 8 1.84 -32.59 27.17
N MET B 9 2.75 -32.09 26.34
CA MET B 9 4.11 -32.59 26.22
C MET B 9 5.10 -31.59 26.77
N TYR B 10 6.10 -32.10 27.47
CA TYR B 10 7.19 -31.25 27.92
C TYR B 10 8.49 -31.91 27.53
N GLY B 11 9.43 -31.09 27.11
CA GLY B 11 10.77 -31.55 26.77
C GLY B 11 11.81 -30.49 27.00
N PHE B 12 13.03 -30.91 27.29
CA PHE B 12 14.15 -29.96 27.46
C PHE B 12 14.78 -29.53 26.14
N ILE B 13 15.23 -28.30 26.15
CA ILE B 13 16.01 -27.72 25.05
C ILE B 13 17.01 -28.75 24.65
N GLY B 14 17.11 -28.99 23.35
CA GLY B 14 18.11 -29.94 22.81
C GLY B 14 17.64 -31.38 22.64
N THR B 15 16.62 -31.77 23.41
CA THR B 15 16.13 -33.17 23.41
C THR B 15 15.08 -33.39 22.31
N ASP B 16 14.62 -34.63 22.18
CA ASP B 16 13.61 -35.01 21.15
C ASP B 16 12.29 -35.40 21.79
N VAL B 17 11.18 -34.95 21.22
CA VAL B 17 9.86 -35.44 21.67
C VAL B 17 9.05 -36.05 20.55
N VAL B 18 8.26 -37.04 20.91
CA VAL B 18 7.39 -37.73 19.96
C VAL B 18 5.94 -37.25 20.09
N LEU B 19 5.44 -36.63 19.04
CA LEU B 19 4.08 -36.12 19.02
C LEU B 19 3.17 -37.14 18.32
N HIS B 20 2.33 -37.80 19.11
CA HIS B 20 1.39 -38.78 18.58
C HIS B 20 0.18 -38.16 17.93
N CYS B 21 -0.22 -38.78 16.84
CA CYS B 21 -1.42 -38.43 16.09
C CYS B 21 -1.90 -39.70 15.37
N SER B 22 -3.16 -40.05 15.57
CA SER B 22 -3.73 -41.24 14.90
C SER B 22 -5.24 -41.12 14.65
N PHE B 23 -5.69 -41.80 13.61
CA PHE B 23 -7.08 -41.68 13.16
C PHE B 23 -7.90 -42.82 13.71
N ALA B 24 -8.92 -42.40 14.46
CA ALA B 24 -9.65 -43.30 15.41
C ALA B 24 -10.25 -44.55 14.77
N ASN B 25 -11.15 -44.35 13.83
CA ASN B 25 -12.03 -45.47 13.42
C ASN B 25 -12.10 -45.67 11.91
N PRO B 26 -10.93 -45.85 11.28
CA PRO B 26 -10.90 -45.96 9.84
C PRO B 26 -11.93 -46.99 9.40
N LEU B 27 -12.68 -46.55 8.41
CA LEU B 27 -13.76 -47.32 7.87
C LEU B 27 -13.54 -47.49 6.37
N PRO B 28 -14.08 -48.56 5.80
CA PRO B 28 -13.69 -48.90 4.45
C PRO B 28 -13.90 -47.73 3.48
N SER B 29 -15.07 -47.15 3.57
CA SER B 29 -15.51 -46.07 2.68
C SER B 29 -14.60 -44.84 2.74
N VAL B 30 -14.11 -44.55 3.93
CA VAL B 30 -13.43 -43.25 4.22
C VAL B 30 -11.94 -43.26 3.85
N LYS B 31 -11.60 -42.38 2.93
CA LYS B 31 -10.27 -42.31 2.35
C LYS B 31 -9.49 -41.08 2.81
N ILE B 32 -8.35 -41.34 3.43
CA ILE B 32 -7.51 -40.29 3.99
C ILE B 32 -6.67 -39.67 2.89
N THR B 33 -6.86 -38.40 2.68
CA THR B 33 -6.20 -37.65 1.59
C THR B 33 -4.82 -37.14 1.93
N GLN B 34 -4.74 -36.56 3.11
CA GLN B 34 -3.52 -35.91 3.59
C GLN B 34 -3.50 -35.80 5.10
N VAL B 35 -2.31 -35.87 5.66
CA VAL B 35 -2.10 -35.61 7.10
C VAL B 35 -1.22 -34.38 7.33
N THR B 36 -1.70 -33.45 8.13
CA THR B 36 -0.97 -32.17 8.27
C THR B 36 -0.79 -31.76 9.72
N TRP B 37 0.44 -31.45 10.06
CA TRP B 37 0.78 -30.84 11.35
C TRP B 37 0.92 -29.35 11.17
N GLN B 38 0.21 -28.63 12.00
CA GLN B 38 0.38 -27.20 12.09
C GLN B 38 0.66 -26.78 13.53
N LYS B 39 1.20 -25.62 13.72
CA LYS B 39 1.46 -25.17 15.09
C LYS B 39 0.78 -23.88 15.26
N SER B 40 0.08 -23.73 16.36
CA SER B 40 -0.56 -22.46 16.69
C SER B 40 0.21 -21.65 17.73
N THR B 41 0.68 -20.48 17.31
CA THR B 41 1.16 -19.47 18.25
C THR B 41 0.01 -18.51 18.23
N ASN B 42 -0.41 -18.12 19.45
CA ASN B 42 -1.84 -17.86 19.76
C ASN B 42 -2.58 -17.02 18.74
N GLY B 43 -3.62 -17.61 18.16
CA GLY B 43 -4.40 -16.91 17.11
C GLY B 43 -3.94 -17.25 15.69
N SER B 44 -2.76 -17.88 15.59
CA SER B 44 -2.06 -18.03 14.30
C SER B 44 -1.57 -19.44 14.07
N LYS B 45 -1.80 -19.92 12.87
CA LYS B 45 -1.35 -21.26 12.50
C LYS B 45 -0.24 -21.14 11.52
N GLN B 46 0.79 -21.90 11.74
CA GLN B 46 1.79 -22.14 10.71
C GLN B 46 1.90 -23.63 10.42
N ASN B 47 2.19 -23.93 9.16
CA ASN B 47 2.35 -25.33 8.73
C ASN B 47 3.71 -25.90 9.18
N VAL B 48 3.70 -27.18 9.54
CA VAL B 48 4.90 -27.84 10.12
C VAL B 48 5.40 -28.99 9.25
N ALA B 49 4.57 -30.01 9.14
CA ALA B 49 4.91 -31.22 8.36
C ALA B 49 3.66 -31.77 7.71
N ILE B 50 3.83 -32.35 6.55
CA ILE B 50 2.71 -32.86 5.78
C ILE B 50 3.07 -34.26 5.32
N TYR B 51 2.13 -35.18 5.46
CA TYR B 51 2.26 -36.49 4.81
C TYR B 51 1.11 -36.74 3.85
N ASN B 52 1.44 -36.86 2.58
CA ASN B 52 0.46 -37.18 1.54
C ASN B 52 0.80 -38.50 0.91
N PRO B 53 -0.06 -39.52 1.09
CA PRO B 53 0.15 -40.87 0.56
C PRO B 53 0.62 -40.94 -0.89
N SER B 54 0.05 -40.10 -1.74
CA SER B 54 0.44 -40.12 -3.17
C SER B 54 1.67 -39.31 -3.45
N MET B 55 2.00 -38.41 -2.55
CA MET B 55 3.02 -37.37 -2.90
C MET B 55 4.23 -37.30 -2.00
N GLY B 56 4.05 -37.90 -0.83
CA GLY B 56 5.15 -38.15 0.09
C GLY B 56 5.08 -37.27 1.31
N VAL B 57 6.25 -36.94 1.79
CA VAL B 57 6.40 -36.15 2.97
C VAL B 57 6.98 -34.78 2.62
N SER B 58 6.62 -33.84 3.47
CA SER B 58 7.02 -32.43 3.36
C SER B 58 7.24 -31.82 4.73
N VAL B 59 8.45 -31.38 4.98
CA VAL B 59 8.71 -30.65 6.19
C VAL B 59 9.04 -29.22 5.82
N LEU B 60 8.46 -28.26 6.54
CA LEU B 60 8.66 -26.80 6.24
C LEU B 60 9.67 -26.24 7.19
N ALA B 61 10.49 -25.30 6.70
CA ALA B 61 11.36 -24.49 7.60
C ALA B 61 10.43 -23.78 8.56
N PRO B 62 10.73 -23.69 9.87
CA PRO B 62 11.96 -24.00 10.60
C PRO B 62 12.06 -25.39 11.14
N TYR B 63 11.67 -26.37 10.34
CA TYR B 63 11.71 -27.76 10.79
C TYR B 63 12.61 -28.64 9.89
N ARG B 64 13.41 -27.99 9.06
CA ARG B 64 14.04 -28.65 7.94
C ARG B 64 14.62 -30.02 8.24
N GLU B 65 15.48 -30.15 9.23
CA GLU B 65 16.03 -31.50 9.48
C GLU B 65 15.58 -32.08 10.79
N ARG B 66 14.44 -31.60 11.22
CA ARG B 66 14.06 -31.80 12.63
C ARG B 66 12.79 -32.63 12.84
N VAL B 67 12.05 -32.81 11.77
CA VAL B 67 10.83 -33.61 11.86
C VAL B 67 10.86 -34.81 10.92
N GLU B 68 10.48 -35.97 11.43
CA GLU B 68 10.07 -37.08 10.53
C GLU B 68 8.90 -37.85 11.08
N PHE B 69 8.08 -38.31 10.16
CA PHE B 69 6.99 -39.22 10.50
C PHE B 69 7.56 -40.57 10.87
N LEU B 70 7.05 -41.12 11.96
CA LEU B 70 7.61 -42.36 12.50
C LEU B 70 7.14 -43.54 11.71
N ARG B 71 5.87 -43.54 11.36
CA ARG B 71 5.32 -44.65 10.57
C ARG B 71 4.19 -44.17 9.68
N PRO B 72 4.53 -43.36 8.67
CA PRO B 72 3.50 -42.63 7.91
C PRO B 72 2.47 -43.60 7.34
N SER B 73 1.22 -43.23 7.46
CA SER B 73 0.16 -44.18 7.18
C SER B 73 -1.14 -43.46 7.10
N PHE B 74 -2.12 -44.19 6.57
CA PHE B 74 -3.47 -43.70 6.44
C PHE B 74 -4.02 -43.31 7.80
N THR B 75 -3.45 -43.89 8.85
CA THR B 75 -4.06 -43.71 10.20
C THR B 75 -3.08 -43.30 11.29
N ASP B 76 -1.82 -43.16 10.91
CA ASP B 76 -0.79 -42.73 11.83
C ASP B 76 0.09 -41.59 11.26
N GLY B 77 0.04 -40.47 11.95
CA GLY B 77 0.77 -39.28 11.55
C GLY B 77 1.77 -38.83 12.59
N THR B 78 2.02 -39.72 13.52
CA THR B 78 2.95 -39.47 14.62
C THR B 78 4.28 -39.07 14.11
N ILE B 79 4.84 -38.03 14.70
CA ILE B 79 6.15 -37.47 14.31
C ILE B 79 7.11 -37.36 15.48
N ARG B 80 8.38 -37.27 15.16
CA ARG B 80 9.36 -36.89 16.14
C ARG B 80 9.93 -35.53 15.79
N LEU B 81 9.95 -34.66 16.80
CA LEU B 81 10.52 -33.31 16.73
C LEU B 81 11.81 -33.38 17.46
N SER B 82 12.88 -33.13 16.77
CA SER B 82 14.24 -33.34 17.34
C SER B 82 14.94 -32.03 17.65
N ARG B 83 15.90 -32.12 18.57
CA ARG B 83 16.70 -30.95 18.97
C ARG B 83 15.78 -29.77 19.28
N LEU B 84 14.96 -29.95 20.30
CA LEU B 84 14.02 -28.89 20.76
C LEU B 84 14.69 -27.52 20.96
N GLU B 85 13.97 -26.49 20.54
CA GLU B 85 14.40 -25.11 20.82
C GLU B 85 13.26 -24.27 21.41
N LEU B 86 13.63 -23.21 22.12
CA LEU B 86 12.63 -22.43 22.85
C LEU B 86 11.47 -22.04 21.93
N GLU B 87 11.81 -21.67 20.71
CA GLU B 87 10.82 -21.27 19.67
C GLU B 87 9.82 -22.37 19.33
N ASP B 88 10.00 -23.56 19.82
CA ASP B 88 9.07 -24.65 19.48
C ASP B 88 7.82 -24.67 20.31
N GLU B 89 7.84 -23.94 21.41
CA GLU B 89 6.65 -23.87 22.27
C GLU B 89 5.48 -23.55 21.42
N GLY B 90 4.40 -24.27 21.66
CA GLY B 90 3.12 -23.87 21.08
C GLY B 90 2.13 -24.98 21.15
N VAL B 91 1.01 -24.77 20.47
CA VAL B 91 -0.04 -25.78 20.39
C VAL B 91 0.05 -26.42 19.04
N TYR B 92 0.18 -27.73 18.99
CA TYR B 92 0.34 -28.43 17.70
C TYR B 92 -0.94 -29.09 17.29
N ILE B 93 -1.45 -28.73 16.14
CA ILE B 93 -2.64 -29.36 15.56
C ILE B 93 -2.25 -30.40 14.52
N CYS B 94 -2.75 -31.60 14.68
CA CYS B 94 -2.58 -32.65 13.67
C CYS B 94 -3.91 -32.98 13.04
N GLU B 95 -3.98 -32.78 11.74
CA GLU B 95 -5.27 -32.81 11.03
C GLU B 95 -5.26 -33.77 9.87
N PHE B 96 -6.24 -34.65 9.90
CA PHE B 96 -6.45 -35.59 8.80
C PHE B 96 -7.51 -35.09 7.80
N ALA B 97 -7.08 -34.83 6.59
CA ALA B 97 -8.01 -34.48 5.52
C ALA B 97 -8.50 -35.77 4.84
N THR B 98 -9.81 -35.95 4.78
CA THR B 98 -10.40 -37.21 4.30
C THR B 98 -11.60 -36.99 3.42
N PHE B 99 -11.90 -37.99 2.60
CA PHE B 99 -13.06 -37.96 1.70
C PHE B 99 -13.92 -39.20 1.91
N PRO B 100 -15.25 -39.07 1.96
CA PRO B 100 -16.02 -37.84 1.83
C PRO B 100 -16.32 -37.11 3.13
N THR B 101 -15.68 -37.50 4.21
CA THR B 101 -16.15 -37.09 5.53
C THR B 101 -15.53 -35.80 6.08
N GLY B 102 -14.59 -35.25 5.35
CA GLY B 102 -13.97 -33.99 5.77
C GLY B 102 -12.78 -34.12 6.70
N ASN B 103 -12.54 -33.08 7.47
CA ASN B 103 -11.33 -32.99 8.31
C ASN B 103 -11.60 -33.46 9.69
N ARG B 104 -10.54 -33.97 10.29
CA ARG B 104 -10.57 -34.53 11.63
C ARG B 104 -9.27 -34.22 12.37
N GLU B 105 -9.33 -33.52 13.48
CA GLU B 105 -8.06 -33.05 14.04
C GLU B 105 -7.90 -33.33 15.53
N SER B 106 -6.65 -33.25 15.97
CA SER B 106 -6.30 -33.28 17.41
C SER B 106 -5.23 -32.23 17.75
N GLN B 107 -5.19 -31.82 19.00
CA GLN B 107 -4.17 -30.85 19.47
C GLN B 107 -3.36 -31.34 20.62
N LEU B 108 -2.19 -30.75 20.80
CA LEU B 108 -1.37 -30.99 21.98
C LEU B 108 -0.41 -29.84 22.22
N ASN B 109 -0.15 -29.60 23.49
CA ASN B 109 0.65 -28.48 23.93
C ASN B 109 2.07 -28.93 24.04
N LEU B 110 2.97 -28.24 23.39
CA LEU B 110 4.38 -28.47 23.61
C LEU B 110 4.98 -27.34 24.45
N THR B 111 5.45 -27.69 25.63
CA THR B 111 6.15 -26.76 26.51
C THR B 111 7.62 -27.13 26.48
N VAL B 112 8.47 -26.17 26.21
CA VAL B 112 9.91 -26.41 26.15
C VAL B 112 10.50 -25.88 27.45
N MET B 113 11.33 -26.69 28.09
CA MET B 113 11.99 -26.29 29.34
C MET B 113 13.52 -26.05 29.17
N ALA B 114 14.09 -25.20 30.01
CA ALA B 114 15.55 -24.95 30.04
C ALA B 114 16.03 -25.05 31.49
N LYS B 115 17.07 -25.84 31.71
CA LYS B 115 17.67 -25.96 33.04
C LYS B 115 18.53 -24.70 33.29
N PRO B 116 18.33 -24.00 34.41
CA PRO B 116 19.08 -22.78 34.70
C PRO B 116 20.51 -23.06 35.03
N THR B 117 21.27 -21.99 35.07
CA THR B 117 22.68 -22.00 35.48
C THR B 117 22.77 -21.33 36.82
N ASN B 118 23.33 -22.02 37.79
CA ASN B 118 23.34 -21.51 39.16
C ASN B 118 24.72 -21.17 39.69
N TRP B 119 24.81 -20.06 40.40
CA TRP B 119 26.03 -19.72 41.18
C TRP B 119 25.86 -18.68 42.25
N ILE B 120 26.84 -18.65 43.13
CA ILE B 120 26.87 -17.69 44.21
C ILE B 120 28.15 -16.88 44.13
N GLU B 121 28.12 -15.65 44.61
CA GLU B 121 29.36 -14.82 44.71
C GLU B 121 29.29 -13.76 45.79
N GLY B 122 30.39 -13.62 46.51
CA GLY B 122 30.48 -12.64 47.63
C GLY B 122 30.79 -11.23 47.15
N THR B 123 30.73 -10.27 48.07
CA THR B 123 31.12 -8.89 47.75
C THR B 123 32.60 -8.81 47.55
N GLN B 124 32.97 -7.81 46.78
CA GLN B 124 34.38 -7.34 46.69
C GLN B 124 34.77 -6.58 47.97
N ALA B 125 33.75 -6.00 48.61
CA ALA B 125 33.93 -5.20 49.82
C ALA B 125 34.48 -6.05 50.98
N VAL B 126 35.23 -5.38 51.83
CA VAL B 126 35.76 -6.02 53.04
C VAL B 126 34.70 -5.89 54.12
N LEU B 127 34.07 -6.99 54.45
CA LEU B 127 33.12 -7.01 55.56
C LEU B 127 33.81 -6.64 56.89
N ARG B 128 33.23 -5.64 57.52
CA ARG B 128 33.84 -5.01 58.70
C ARG B 128 32.75 -4.69 59.71
N ALA B 129 32.81 -5.37 60.84
CA ALA B 129 31.92 -5.06 61.96
C ALA B 129 32.35 -3.70 62.56
N LYS B 130 31.39 -2.94 63.06
CA LYS B 130 31.70 -1.63 63.70
C LYS B 130 30.58 -1.11 64.59
N LYS B 131 30.94 -0.74 65.81
CA LYS B 131 30.02 -0.11 66.76
C LYS B 131 29.43 1.18 66.19
N GLY B 132 28.11 1.29 66.27
CA GLY B 132 27.37 2.47 65.76
C GLY B 132 26.87 2.33 64.34
N GLN B 133 27.43 1.35 63.63
CA GLN B 133 26.96 1.02 62.27
C GLN B 133 25.68 0.18 62.35
N ASP B 134 24.59 0.81 61.97
CA ASP B 134 23.27 0.19 61.92
C ASP B 134 23.02 -0.37 60.53
N ASP B 135 24.00 -0.21 59.66
CA ASP B 135 23.80 -0.40 58.19
C ASP B 135 23.97 -1.84 57.70
N LYS B 136 22.93 -2.33 57.06
CA LYS B 136 22.96 -3.63 56.38
C LYS B 136 23.84 -3.52 55.14
N VAL B 137 24.65 -4.53 54.92
CA VAL B 137 25.59 -4.53 53.81
C VAL B 137 25.46 -5.81 52.99
N LEU B 138 25.65 -5.66 51.68
CA LEU B 138 25.54 -6.80 50.75
C LEU B 138 26.69 -7.73 51.02
N VAL B 139 26.41 -9.03 51.11
CA VAL B 139 27.49 -9.99 51.41
C VAL B 139 27.55 -11.17 50.45
N ALA B 140 26.44 -11.50 49.83
CA ALA B 140 26.42 -12.56 48.80
C ALA B 140 25.28 -12.37 47.79
N THR B 141 25.52 -12.83 46.59
CA THR B 141 24.52 -12.74 45.51
C THR B 141 24.37 -14.10 44.90
N CYS B 142 23.15 -14.57 44.89
CA CYS B 142 22.82 -15.89 44.34
C CYS B 142 22.06 -15.72 43.02
N THR B 143 22.52 -16.38 41.99
CA THR B 143 21.92 -16.25 40.67
C THR B 143 21.56 -17.61 40.08
N SER B 144 20.32 -17.71 39.64
CA SER B 144 19.88 -18.85 38.85
C SER B 144 19.46 -18.34 37.47
N ALA B 145 20.36 -18.47 36.51
CA ALA B 145 20.22 -17.77 35.19
C ALA B 145 19.55 -18.57 34.05
N ASN B 146 18.76 -17.85 33.29
CA ASN B 146 18.09 -18.39 32.08
C ASN B 146 17.41 -19.76 32.22
N GLY B 147 16.69 -19.90 33.32
CA GLY B 147 15.89 -21.11 33.60
C GLY B 147 14.46 -20.96 33.09
N LYS B 148 13.86 -22.08 32.76
CA LYS B 148 12.45 -22.11 32.36
C LYS B 148 11.83 -23.48 32.66
N PRO B 149 10.79 -23.52 33.50
CA PRO B 149 10.21 -22.38 34.19
C PRO B 149 11.19 -21.84 35.22
N PRO B 150 10.88 -20.68 35.83
CA PRO B 150 11.81 -20.07 36.73
C PRO B 150 12.05 -21.01 37.89
N SER B 151 13.30 -21.03 38.34
CA SER B 151 13.64 -21.77 39.53
C SER B 151 13.21 -20.97 40.78
N VAL B 152 13.37 -21.54 41.96
CA VAL B 152 13.03 -20.87 43.21
C VAL B 152 14.28 -20.71 44.04
N VAL B 153 14.62 -19.47 44.37
CA VAL B 153 15.86 -19.20 45.10
C VAL B 153 15.54 -18.89 46.55
N SER B 154 16.43 -19.38 47.39
CA SER B 154 16.32 -19.21 48.84
C SER B 154 17.69 -19.40 49.50
N TRP B 155 17.74 -19.09 50.78
CA TRP B 155 18.99 -19.21 51.55
C TRP B 155 18.90 -20.17 52.68
N GLU B 156 20.02 -20.80 52.97
CA GLU B 156 20.15 -21.74 54.10
C GLU B 156 21.34 -21.29 54.89
N THR B 157 21.02 -20.62 55.96
CA THR B 157 22.04 -20.09 56.83
C THR B 157 21.43 -19.89 58.19
N ARG B 158 22.28 -19.87 59.20
CA ARG B 158 21.81 -19.57 60.59
C ARG B 158 22.01 -18.08 60.91
N LEU B 159 22.63 -17.38 59.97
CA LEU B 159 22.72 -15.94 60.00
C LEU B 159 21.31 -15.38 59.96
N LYS B 160 21.17 -14.20 60.52
CA LYS B 160 19.87 -13.50 60.55
C LYS B 160 19.88 -12.21 59.75
N GLY B 161 20.14 -12.36 58.47
CA GLY B 161 20.14 -11.23 57.51
C GLY B 161 18.89 -11.19 56.66
N GLU B 162 18.82 -10.22 55.77
CA GLU B 162 17.66 -10.03 54.90
C GLU B 162 18.02 -10.43 53.49
N ALA B 163 17.07 -11.05 52.81
CA ALA B 163 17.24 -11.36 51.40
C ALA B 163 16.21 -10.63 50.54
N GLU B 164 16.73 -10.06 49.47
CA GLU B 164 15.92 -9.45 48.41
C GLU B 164 15.98 -10.38 47.22
N TYR B 165 14.90 -10.43 46.46
CA TYR B 165 14.83 -11.33 45.28
C TYR B 165 14.32 -10.63 44.04
N GLN B 166 14.91 -10.99 42.91
CA GLN B 166 14.57 -10.37 41.64
C GLN B 166 14.43 -11.35 40.51
N GLU B 167 13.42 -11.13 39.68
CA GLU B 167 13.24 -11.92 38.46
C GLU B 167 13.33 -11.10 37.22
N ILE B 168 14.19 -11.54 36.32
CA ILE B 168 14.30 -10.93 34.99
C ILE B 168 13.76 -11.88 33.93
N ARG B 169 12.65 -11.50 33.30
CA ARG B 169 12.11 -12.34 32.25
C ARG B 169 12.80 -11.93 30.98
N ASN B 170 13.53 -12.87 30.40
CA ASN B 170 14.26 -12.61 29.17
C ASN B 170 13.29 -12.74 28.00
N PRO B 171 13.63 -12.11 26.88
CA PRO B 171 12.72 -12.09 25.77
C PRO B 171 12.39 -13.50 25.26
N ASN B 172 13.37 -14.40 25.23
CA ASN B 172 13.17 -15.81 24.77
C ASN B 172 12.26 -16.63 25.66
N GLY B 173 11.90 -16.07 26.81
CA GLY B 173 10.95 -16.74 27.71
C GLY B 173 11.55 -17.44 28.91
N THR B 174 12.86 -17.61 28.90
CA THR B 174 13.60 -18.05 30.10
C THR B 174 13.50 -16.93 31.18
N VAL B 175 13.86 -17.25 32.41
CA VAL B 175 13.81 -16.27 33.55
C VAL B 175 15.01 -16.43 34.48
N THR B 176 15.72 -15.32 34.65
CA THR B 176 16.91 -15.25 35.55
C THR B 176 16.44 -14.75 36.91
N VAL B 177 16.78 -15.50 37.95
CA VAL B 177 16.36 -15.20 39.33
C VAL B 177 17.61 -14.86 40.10
N ILE B 178 17.60 -13.70 40.69
CA ILE B 178 18.74 -13.19 41.47
C ILE B 178 18.32 -12.84 42.89
N SER B 179 19.12 -13.24 43.84
CA SER B 179 18.89 -12.87 45.23
C SER B 179 20.12 -12.23 45.81
N ARG B 180 19.88 -11.14 46.51
CA ARG B 180 20.93 -10.43 47.22
C ARG B 180 20.75 -10.55 48.71
N TYR B 181 21.76 -11.09 49.37
CA TYR B 181 21.76 -11.33 50.84
C TYR B 181 22.53 -10.22 51.56
N ARG B 182 21.82 -9.52 52.42
CA ARG B 182 22.39 -8.40 53.17
C ARG B 182 22.34 -8.62 54.69
N LEU B 183 23.35 -8.16 55.39
CA LEU B 183 23.33 -8.15 56.87
C LEU B 183 24.21 -7.09 57.48
N VAL B 184 24.00 -6.87 58.76
CA VAL B 184 24.86 -5.99 59.54
C VAL B 184 26.03 -6.83 60.11
N PRO B 185 27.26 -6.59 59.61
CA PRO B 185 28.41 -7.44 59.93
C PRO B 185 28.75 -7.41 61.40
N SER B 186 29.01 -8.60 61.92
CA SER B 186 29.27 -8.78 63.36
C SER B 186 30.35 -9.84 63.59
N ARG B 187 30.95 -9.81 64.79
CA ARG B 187 31.95 -10.82 65.21
C ARG B 187 31.42 -12.23 64.97
N GLU B 188 30.22 -12.49 65.46
CA GLU B 188 29.58 -13.82 65.34
C GLU B 188 29.34 -14.24 63.91
N ALA B 189 29.19 -13.28 63.03
CA ALA B 189 28.94 -13.59 61.61
C ALA B 189 30.18 -14.13 60.90
N HIS B 190 31.33 -13.89 61.47
CA HIS B 190 32.59 -14.33 60.86
C HIS B 190 32.64 -15.83 60.81
N GLN B 191 33.23 -16.33 59.75
CA GLN B 191 33.37 -17.79 59.51
C GLN B 191 32.05 -18.60 59.48
N GLN B 192 30.93 -17.90 59.59
CA GLN B 192 29.60 -18.48 59.37
C GLN B 192 29.39 -18.83 57.89
N SER B 193 28.72 -19.94 57.66
CA SER B 193 28.42 -20.34 56.29
C SER B 193 27.10 -19.77 55.82
N LEU B 194 27.10 -19.40 54.56
CA LEU B 194 25.91 -18.85 53.90
C LEU B 194 25.74 -19.61 52.59
N ALA B 195 24.62 -20.28 52.47
CA ALA B 195 24.41 -21.21 51.37
C ALA B 195 23.23 -20.75 50.58
N CYS B 196 23.46 -20.52 49.30
CA CYS B 196 22.37 -20.21 48.40
C CYS B 196 21.81 -21.51 47.87
N ILE B 197 20.49 -21.54 47.74
CA ILE B 197 19.77 -22.74 47.28
C ILE B 197 18.82 -22.40 46.16
N VAL B 198 18.67 -23.35 45.26
CA VAL B 198 17.78 -23.17 44.11
C VAL B 198 17.18 -24.49 43.69
N ASN B 199 15.90 -24.69 43.99
CA ASN B 199 15.19 -25.89 43.56
C ASN B 199 14.54 -25.69 42.17
N TYR B 200 14.98 -26.47 41.20
CA TYR B 200 14.40 -26.43 39.85
C TYR B 200 14.01 -27.84 39.38
N HIS B 201 12.73 -28.02 39.10
CA HIS B 201 12.21 -29.33 38.60
C HIS B 201 12.57 -30.46 39.52
N MET B 202 12.41 -30.19 40.82
CA MET B 202 12.66 -31.21 41.88
C MET B 202 14.13 -31.56 42.13
N ASP B 203 15.03 -30.83 41.49
CA ASP B 203 16.43 -30.81 41.88
C ASP B 203 16.57 -29.78 42.97
N ARG B 204 17.43 -30.08 43.93
CA ARG B 204 17.91 -29.05 44.88
C ARG B 204 19.44 -28.77 44.74
N PHE B 205 19.78 -27.64 44.12
CA PHE B 205 21.18 -27.19 44.01
C PHE B 205 21.55 -26.34 45.24
N LYS B 206 22.77 -26.50 45.69
CA LYS B 206 23.27 -25.80 46.88
C LYS B 206 24.73 -25.40 46.69
N GLU B 207 25.01 -24.14 46.94
CA GLU B 207 26.39 -23.62 46.88
C GLU B 207 26.72 -22.64 48.03
N SER B 208 27.84 -22.87 48.71
CA SER B 208 28.14 -22.17 49.96
C SER B 208 29.20 -21.11 49.85
N LEU B 209 29.09 -20.12 50.72
CA LEU B 209 30.18 -19.22 51.06
C LEU B 209 30.49 -19.39 52.51
N THR B 210 31.70 -19.01 52.87
CA THR B 210 32.02 -18.67 54.27
C THR B 210 32.39 -17.20 54.33
N LEU B 211 31.66 -16.45 55.15
CA LEU B 211 31.88 -15.02 55.31
C LEU B 211 33.22 -14.78 55.98
N ASN B 212 33.89 -13.73 55.53
CA ASN B 212 35.10 -13.20 56.22
C ASN B 212 34.83 -11.77 56.74
N VAL B 213 34.57 -11.71 58.04
CA VAL B 213 34.26 -10.44 58.72
C VAL B 213 35.39 -10.02 59.66
N GLN B 214 35.89 -8.82 59.43
CA GLN B 214 36.90 -8.23 60.31
C GLN B 214 36.23 -7.61 61.54
N TYR B 215 36.90 -7.68 62.66
CA TYR B 215 36.37 -7.15 63.94
C TYR B 215 37.45 -6.78 64.96
N GLU B 216 37.11 -5.78 65.77
CA GLU B 216 37.93 -5.35 66.91
C GLU B 216 38.18 -6.50 67.90
N PRO B 217 39.34 -6.50 68.58
CA PRO B 217 39.71 -7.64 69.42
C PRO B 217 38.81 -7.81 70.63
N GLU B 218 38.55 -9.06 70.95
CA GLU B 218 37.86 -9.43 72.20
C GLU B 218 38.86 -10.18 73.08
N VAL B 219 39.28 -9.50 74.14
CA VAL B 219 40.45 -9.92 74.95
C VAL B 219 40.12 -10.73 76.20
N THR B 220 40.84 -11.82 76.36
CA THR B 220 40.77 -12.66 77.57
C THR B 220 42.16 -12.94 78.09
N ILE B 221 42.25 -13.13 79.39
CA ILE B 221 43.53 -13.52 79.98
C ILE B 221 43.39 -14.86 80.73
N GLU B 222 44.24 -15.80 80.36
CA GLU B 222 44.21 -17.17 80.92
C GLU B 222 45.45 -17.40 81.79
N GLY B 223 45.81 -18.65 81.96
CA GLY B 223 47.01 -19.01 82.75
C GLY B 223 46.86 -18.84 84.25
N PHE B 224 45.74 -18.26 84.65
CA PHE B 224 45.40 -18.08 86.09
C PHE B 224 44.90 -19.40 86.70
N ASP B 225 45.32 -19.62 87.94
CA ASP B 225 44.99 -20.83 88.70
C ASP B 225 44.24 -20.48 89.99
N GLY B 226 43.30 -21.33 90.36
CA GLY B 226 42.54 -21.18 91.63
C GLY B 226 43.40 -20.81 92.82
N ASN B 227 44.42 -21.63 93.05
CA ASN B 227 45.36 -21.40 94.16
C ASN B 227 46.74 -20.89 93.68
N TRP B 228 47.23 -19.84 94.31
CA TRP B 228 48.61 -19.33 94.09
C TRP B 228 49.32 -19.06 95.41
N TYR B 229 50.35 -19.84 95.64
CA TYR B 229 51.07 -19.85 96.93
C TYR B 229 51.66 -18.51 97.30
N LEU B 230 52.02 -18.42 98.56
CA LEU B 230 53.24 -17.73 98.91
C LEU B 230 54.33 -18.58 98.26
N GLN B 231 55.23 -17.91 97.55
CA GLN B 231 56.48 -18.50 97.02
C GLN B 231 56.32 -19.74 96.13
N ARG B 232 55.28 -19.76 95.31
CA ARG B 232 55.20 -20.74 94.19
C ARG B 232 56.18 -20.32 93.08
N MET B 233 56.59 -21.28 92.28
CA MET B 233 57.58 -21.05 91.21
C MET B 233 56.97 -20.53 89.91
N ASP B 234 57.72 -19.64 89.29
CA ASP B 234 57.82 -19.50 87.81
C ASP B 234 56.53 -19.57 86.99
N VAL B 235 55.59 -18.70 87.32
CA VAL B 235 54.22 -18.77 86.77
C VAL B 235 53.91 -17.71 85.71
N LYS B 236 53.27 -18.14 84.63
CA LYS B 236 52.95 -17.23 83.49
C LYS B 236 51.47 -16.86 83.36
N LEU B 237 51.26 -15.70 82.75
CA LEU B 237 49.93 -15.28 82.26
C LEU B 237 49.97 -15.12 80.75
N THR B 238 48.86 -15.49 80.13
CA THR B 238 48.79 -15.46 78.66
C THR B 238 47.52 -14.74 78.15
N CYS B 239 47.72 -13.80 77.25
CA CYS B 239 46.64 -12.93 76.73
C CYS B 239 46.15 -13.40 75.33
N LYS B 240 45.13 -14.24 75.38
CA LYS B 240 44.46 -14.76 74.17
C LYS B 240 43.43 -13.73 73.66
N ALA B 241 43.79 -13.07 72.56
CA ALA B 241 42.96 -12.01 71.96
C ALA B 241 42.36 -12.41 70.61
N ASP B 242 41.06 -12.64 70.64
CA ASP B 242 40.27 -13.03 69.45
C ASP B 242 39.99 -11.83 68.54
N ALA B 243 40.63 -11.84 67.39
CA ALA B 243 40.52 -10.73 66.41
C ALA B 243 40.77 -11.17 64.98
N ASN B 244 40.18 -10.42 64.08
CA ASN B 244 40.35 -10.61 62.62
C ASN B 244 40.36 -9.26 61.91
N PRO B 245 41.46 -8.95 61.20
CA PRO B 245 42.68 -9.74 61.18
C PRO B 245 43.31 -9.85 62.57
N PRO B 246 44.23 -10.79 62.75
CA PRO B 246 44.81 -11.00 64.07
C PRO B 246 45.48 -9.75 64.62
N ALA B 247 45.52 -9.67 65.94
CA ALA B 247 46.13 -8.53 66.65
C ALA B 247 47.64 -8.53 66.48
N THR B 248 48.19 -7.34 66.28
CA THR B 248 49.65 -7.18 66.01
C THR B 248 50.48 -6.60 67.18
N GLU B 249 49.79 -6.06 68.16
CA GLU B 249 50.43 -5.47 69.35
C GLU B 249 49.74 -5.82 70.68
N TYR B 250 50.55 -6.19 71.65
CA TYR B 250 50.06 -6.50 73.00
C TYR B 250 50.85 -5.74 74.07
N HIS B 251 50.14 -4.85 74.77
CA HIS B 251 50.75 -4.03 75.85
C HIS B 251 50.13 -4.26 77.21
N TRP B 252 50.99 -4.50 78.19
CA TRP B 252 50.58 -4.85 79.56
C TRP B 252 50.62 -3.70 80.54
N THR B 253 49.75 -3.78 81.54
CA THR B 253 49.70 -2.81 82.67
C THR B 253 48.98 -3.42 83.88
N THR B 254 49.13 -2.78 85.02
CA THR B 254 48.31 -3.10 86.20
C THR B 254 47.28 -1.98 86.48
N LEU B 255 46.28 -2.30 87.29
CA LEU B 255 45.24 -1.31 87.69
C LEU B 255 45.81 -0.21 88.62
N ASN B 256 47.00 -0.48 89.15
CA ASN B 256 47.72 0.47 90.00
C ASN B 256 48.95 1.09 89.30
N GLY B 257 48.86 1.11 87.98
CA GLY B 257 49.85 1.78 87.11
C GLY B 257 51.05 0.95 86.68
N SER B 258 51.88 0.62 87.66
CA SER B 258 53.17 -0.02 87.38
C SER B 258 53.16 -1.55 87.45
N LEU B 259 53.93 -2.16 86.56
CA LEU B 259 54.21 -3.61 86.56
C LEU B 259 55.28 -3.91 87.62
N PRO B 260 54.92 -4.63 88.70
CA PRO B 260 55.81 -4.92 89.81
C PRO B 260 57.09 -5.64 89.38
N LYS B 261 58.18 -4.89 89.34
CA LYS B 261 59.51 -5.42 89.01
C LYS B 261 59.87 -6.52 90.02
N GLY B 262 60.27 -7.69 89.54
CA GLY B 262 60.44 -7.96 88.09
C GLY B 262 59.43 -8.95 87.55
N VAL B 263 58.43 -8.43 86.86
CA VAL B 263 57.50 -9.26 86.08
C VAL B 263 57.66 -8.88 84.61
N GLU B 264 58.19 -9.82 83.84
CA GLU B 264 58.65 -9.51 82.47
C GLU B 264 57.58 -9.78 81.43
N ALA B 265 57.48 -8.85 80.51
CA ALA B 265 56.56 -8.96 79.38
C ALA B 265 57.29 -9.31 78.09
N GLN B 266 56.96 -10.48 77.59
CA GLN B 266 57.24 -10.83 76.21
C GLN B 266 55.78 -10.76 75.75
N ASN B 267 55.60 -10.22 74.55
CA ASN B 267 54.33 -9.63 74.13
C ASN B 267 53.27 -10.70 74.16
N ARG B 268 52.23 -10.42 74.90
CA ARG B 268 51.07 -11.31 74.89
C ARG B 268 51.39 -12.55 75.73
N THR B 269 52.55 -12.50 76.37
CA THR B 269 52.86 -13.38 77.51
C THR B 269 53.50 -12.56 78.64
N LEU B 270 53.10 -12.88 79.86
CA LEU B 270 53.44 -12.09 81.05
C LEU B 270 54.04 -12.98 82.16
N PHE B 271 55.35 -13.11 82.15
CA PHE B 271 56.06 -14.05 83.05
C PHE B 271 56.39 -13.47 84.44
N PHE B 272 56.07 -14.28 85.45
CA PHE B 272 56.54 -14.05 86.84
C PHE B 272 57.65 -15.05 87.21
N LYS B 273 58.83 -14.51 87.47
CA LYS B 273 60.00 -15.31 87.88
C LYS B 273 59.90 -15.83 89.31
N GLY B 274 60.04 -17.14 89.43
CA GLY B 274 60.28 -17.80 90.71
C GLY B 274 59.41 -17.20 91.79
N PRO B 275 60.01 -16.63 92.85
CA PRO B 275 59.30 -16.32 94.07
C PRO B 275 58.08 -15.42 93.85
N ILE B 276 56.98 -15.81 94.47
CA ILE B 276 55.76 -15.01 94.58
C ILE B 276 55.64 -14.56 96.02
N ASN B 277 54.91 -13.48 96.24
CA ASN B 277 54.72 -12.93 97.60
C ASN B 277 53.31 -12.42 97.81
N TYR B 278 53.11 -11.70 98.91
CA TYR B 278 51.81 -11.06 99.18
C TYR B 278 51.60 -9.77 98.38
N SER B 279 52.71 -9.19 97.94
CA SER B 279 52.70 -8.24 96.82
C SER B 279 52.44 -9.11 95.58
N LEU B 280 52.21 -8.46 94.44
CA LEU B 280 51.75 -9.14 93.21
C LEU B 280 50.24 -9.40 93.25
N ALA B 281 49.61 -8.89 94.29
CA ALA B 281 48.16 -8.79 94.31
C ALA B 281 47.82 -7.71 93.29
N GLY B 282 46.76 -7.91 92.53
CA GLY B 282 46.28 -6.84 91.63
C GLY B 282 45.65 -7.22 90.31
N THR B 283 44.89 -6.26 89.81
CA THR B 283 44.30 -6.34 88.48
C THR B 283 45.41 -6.26 87.44
N TYR B 284 45.36 -7.18 86.49
CA TYR B 284 46.26 -7.15 85.32
C TYR B 284 45.48 -6.98 84.02
N ILE B 285 46.03 -6.16 83.14
CA ILE B 285 45.34 -5.81 81.88
C ILE B 285 46.24 -5.94 80.64
N CYS B 286 45.69 -6.62 79.66
CA CYS B 286 46.31 -6.73 78.34
C CYS B 286 45.57 -5.80 77.38
N GLU B 287 46.30 -5.00 76.65
CA GLU B 287 45.70 -4.11 75.65
C GLU B 287 46.12 -4.50 74.24
N ALA B 288 45.20 -5.17 73.56
CA ALA B 288 45.41 -5.64 72.18
C ALA B 288 45.01 -4.61 71.14
N THR B 289 45.75 -4.61 70.04
CA THR B 289 45.45 -3.75 68.91
C THR B 289 45.53 -4.49 67.60
N ASN B 290 44.57 -4.17 66.74
CA ASN B 290 44.54 -4.68 65.38
C ASN B 290 43.94 -3.61 64.47
N PRO B 291 44.10 -3.75 63.15
CA PRO B 291 43.71 -2.76 62.14
C PRO B 291 42.37 -2.12 62.41
N ILE B 292 41.46 -2.92 62.94
CA ILE B 292 40.15 -2.41 63.38
C ILE B 292 40.29 -1.60 64.65
N GLY B 293 41.02 -2.16 65.59
CA GLY B 293 40.67 -1.94 66.97
C GLY B 293 41.74 -1.59 67.96
N THR B 294 41.25 -1.42 69.17
CA THR B 294 42.03 -1.51 70.42
C THR B 294 41.06 -1.74 71.58
N ARG B 295 41.45 -2.61 72.49
CA ARG B 295 40.57 -3.11 73.55
C ARG B 295 41.36 -3.86 74.58
N SER B 296 40.75 -4.08 75.74
CA SER B 296 41.47 -4.75 76.84
C SER B 296 40.68 -5.81 77.59
N GLY B 297 41.44 -6.61 78.33
CA GLY B 297 40.90 -7.64 79.23
C GLY B 297 41.55 -7.52 80.59
N GLN B 298 41.09 -8.32 81.54
CA GLN B 298 41.54 -8.19 82.94
C GLN B 298 41.66 -9.50 83.71
N VAL B 299 42.38 -9.45 84.83
CA VAL B 299 42.48 -10.57 85.78
C VAL B 299 42.65 -10.05 87.21
N GLU B 300 41.80 -10.54 88.12
CA GLU B 300 42.05 -10.36 89.55
C GLU B 300 42.90 -11.52 90.04
N VAL B 301 44.05 -11.18 90.58
CA VAL B 301 45.03 -12.19 91.00
C VAL B 301 45.12 -12.37 92.54
N ASN B 302 44.80 -13.57 93.00
CA ASN B 302 44.89 -13.92 94.45
C ASN B 302 46.08 -14.81 94.81
N ILE B 303 46.70 -14.47 95.93
CA ILE B 303 47.88 -15.20 96.46
C ILE B 303 47.83 -15.34 97.97
N THR B 304 47.83 -16.59 98.43
CA THR B 304 47.76 -16.92 99.86
C THR B 304 48.65 -18.10 100.22
N ASN C 6 5.21 -5.60 -18.19
CA ASN C 6 5.61 -5.44 -16.75
C ASN C 6 6.10 -6.71 -16.03
N ASP C 7 6.02 -7.83 -16.69
CA ASP C 7 6.40 -9.11 -16.06
C ASP C 7 7.15 -10.00 -17.06
N SER C 8 8.33 -10.46 -16.69
CA SER C 8 9.23 -11.09 -17.68
C SER C 8 9.77 -12.43 -17.35
N MET C 9 9.64 -13.31 -18.32
CA MET C 9 10.12 -14.68 -18.19
C MET C 9 11.31 -14.93 -19.11
N TYR C 10 12.31 -15.63 -18.61
CA TYR C 10 13.48 -16.04 -19.41
C TYR C 10 13.64 -17.55 -19.30
N GLY C 11 13.95 -18.17 -20.43
CA GLY C 11 14.29 -19.60 -20.48
C GLY C 11 15.33 -19.89 -21.52
N PHE C 12 16.11 -20.93 -21.31
CA PHE C 12 17.04 -21.38 -22.36
C PHE C 12 16.36 -22.25 -23.40
N ILE C 13 16.89 -22.18 -24.61
CA ILE C 13 16.50 -23.09 -25.71
C ILE C 13 16.42 -24.48 -25.15
N GLY C 14 15.32 -25.14 -25.46
CA GLY C 14 15.14 -26.55 -25.12
C GLY C 14 14.43 -26.78 -23.81
N THR C 15 14.46 -25.78 -22.93
CA THR C 15 13.88 -25.94 -21.57
C THR C 15 12.40 -25.58 -21.52
N ASP C 16 11.82 -25.74 -20.35
CA ASP C 16 10.40 -25.47 -20.18
C ASP C 16 10.15 -24.25 -19.31
N VAL C 17 9.11 -23.51 -19.62
CA VAL C 17 8.71 -22.37 -18.79
C VAL C 17 7.20 -22.38 -18.51
N VAL C 18 6.85 -21.89 -17.34
CA VAL C 18 5.46 -21.83 -16.91
C VAL C 18 4.98 -20.39 -16.97
N LEU C 19 3.98 -20.19 -17.79
CA LEU C 19 3.38 -18.87 -17.98
C LEU C 19 2.10 -18.78 -17.15
N HIS C 20 2.20 -18.06 -16.04
CA HIS C 20 1.11 -17.98 -15.05
C HIS C 20 0.04 -17.02 -15.46
N CYS C 21 -1.19 -17.44 -15.23
CA CYS C 21 -2.36 -16.66 -15.53
C CYS C 21 -3.45 -17.12 -14.62
N SER C 22 -4.07 -16.21 -13.90
CA SER C 22 -5.15 -16.60 -13.03
C SER C 22 -6.10 -15.46 -12.81
N PHE C 23 -7.36 -15.78 -12.60
CA PHE C 23 -8.37 -14.75 -12.42
C PHE C 23 -8.66 -14.50 -10.92
N ALA C 24 -8.44 -13.26 -10.52
CA ALA C 24 -8.28 -12.92 -9.11
C ALA C 24 -9.49 -13.19 -8.27
N ASN C 25 -10.56 -12.53 -8.60
CA ASN C 25 -11.68 -12.48 -7.65
C ASN C 25 -12.98 -12.90 -8.24
N PRO C 26 -13.05 -14.20 -8.50
CA PRO C 26 -14.19 -14.73 -9.20
C PRO C 26 -15.38 -14.35 -8.37
N LEU C 27 -16.40 -13.92 -9.07
CA LEU C 27 -17.63 -13.54 -8.40
C LEU C 27 -18.73 -14.48 -8.87
N PRO C 28 -19.72 -14.76 -8.04
CA PRO C 28 -20.76 -15.62 -8.55
C PRO C 28 -21.35 -15.01 -9.81
N SER C 29 -21.55 -13.71 -9.71
CA SER C 29 -22.09 -12.81 -10.77
C SER C 29 -21.46 -13.01 -12.15
N VAL C 30 -20.14 -13.11 -12.13
CA VAL C 30 -19.31 -13.01 -13.33
C VAL C 30 -18.93 -14.40 -13.80
N LYS C 31 -19.38 -14.72 -15.00
CA LYS C 31 -19.20 -16.05 -15.57
C LYS C 31 -18.07 -16.02 -16.55
N ILE C 32 -17.04 -16.84 -16.34
CA ILE C 32 -15.96 -16.94 -17.32
C ILE C 32 -16.36 -17.87 -18.46
N THR C 33 -16.26 -17.35 -19.65
CA THR C 33 -16.71 -18.08 -20.81
C THR C 33 -15.62 -18.82 -21.48
N GLN C 34 -14.51 -18.17 -21.64
CA GLN C 34 -13.38 -18.76 -22.36
C GLN C 34 -12.07 -18.12 -21.94
N VAL C 35 -11.02 -18.94 -21.88
CA VAL C 35 -9.66 -18.47 -21.54
C VAL C 35 -8.68 -18.70 -22.70
N THR C 36 -8.04 -17.61 -23.14
CA THR C 36 -7.22 -17.68 -24.37
C THR C 36 -5.84 -17.09 -24.18
N TRP C 37 -4.85 -17.85 -24.64
CA TRP C 37 -3.47 -17.32 -24.79
C TRP C 37 -3.22 -16.97 -26.21
N GLN C 38 -2.75 -15.76 -26.42
CA GLN C 38 -2.23 -15.36 -27.74
C GLN C 38 -0.80 -14.88 -27.55
N LYS C 39 -0.04 -14.91 -28.62
CA LYS C 39 1.28 -14.34 -28.57
C LYS C 39 1.31 -13.20 -29.54
N SER C 40 1.89 -12.11 -29.11
CA SER C 40 2.00 -10.90 -29.95
C SER C 40 3.39 -10.75 -30.55
N THR C 41 3.46 -10.93 -31.85
CA THR C 41 4.72 -10.80 -32.60
C THR C 41 4.86 -9.32 -32.95
N ASN C 42 4.74 -8.50 -31.92
CA ASN C 42 4.88 -7.05 -32.09
C ASN C 42 3.91 -6.34 -33.08
N GLY C 43 2.70 -6.12 -32.60
CA GLY C 43 1.65 -5.45 -33.40
C GLY C 43 0.61 -6.41 -33.95
N SER C 44 0.85 -7.69 -33.72
CA SER C 44 0.00 -8.75 -34.26
C SER C 44 -0.14 -9.92 -33.29
N LYS C 45 -1.33 -10.49 -33.28
CA LYS C 45 -1.63 -11.61 -32.39
C LYS C 45 -1.85 -12.91 -33.16
N GLN C 46 -1.21 -13.95 -32.67
CA GLN C 46 -1.56 -15.29 -33.08
C GLN C 46 -2.04 -16.03 -31.85
N ASN C 47 -3.04 -16.88 -32.02
CA ASN C 47 -3.55 -17.68 -30.89
C ASN C 47 -2.63 -18.83 -30.54
N VAL C 48 -2.51 -19.11 -29.28
CA VAL C 48 -1.62 -20.16 -28.79
C VAL C 48 -2.40 -21.38 -28.27
N ALA C 49 -3.19 -21.12 -27.23
CA ALA C 49 -4.01 -22.15 -26.61
C ALA C 49 -5.30 -21.55 -26.08
N ILE C 50 -6.32 -22.38 -26.04
CA ILE C 50 -7.66 -21.97 -25.59
C ILE C 50 -8.19 -22.98 -24.59
N TYR C 51 -8.76 -22.50 -23.51
CA TYR C 51 -9.51 -23.39 -22.64
C TYR C 51 -10.91 -22.92 -22.48
N ASN C 52 -11.84 -23.78 -22.88
CA ASN C 52 -13.26 -23.48 -22.77
C ASN C 52 -13.93 -24.50 -21.87
N PRO C 53 -14.48 -24.08 -20.71
CA PRO C 53 -15.17 -24.96 -19.73
C PRO C 53 -16.20 -25.92 -20.33
N SER C 54 -17.01 -25.44 -21.25
CA SER C 54 -17.97 -26.33 -21.92
C SER C 54 -17.36 -27.20 -23.01
N MET C 55 -16.17 -26.93 -23.48
CA MET C 55 -15.69 -27.61 -24.71
C MET C 55 -14.34 -28.24 -24.62
N GLY C 56 -13.63 -27.87 -23.59
CA GLY C 56 -12.29 -28.40 -23.34
C GLY C 56 -11.15 -27.51 -23.77
N VAL C 57 -10.06 -28.14 -24.14
CA VAL C 57 -8.82 -27.44 -24.48
C VAL C 57 -8.56 -27.45 -25.99
N SER C 58 -7.98 -26.36 -26.45
CA SER C 58 -7.45 -26.32 -27.79
C SER C 58 -6.06 -25.69 -27.89
N VAL C 59 -5.09 -26.48 -28.31
CA VAL C 59 -3.78 -25.95 -28.62
C VAL C 59 -3.62 -25.87 -30.14
N LEU C 60 -3.06 -24.77 -30.60
CA LEU C 60 -2.92 -24.51 -32.04
C LEU C 60 -1.49 -24.70 -32.53
N ALA C 61 -1.33 -24.97 -33.83
CA ALA C 61 0.02 -24.97 -34.48
C ALA C 61 0.63 -23.59 -34.25
N PRO C 62 1.95 -23.49 -34.07
CA PRO C 62 3.02 -24.48 -34.00
C PRO C 62 3.30 -25.02 -32.62
N TYR C 63 2.26 -25.38 -31.89
CA TYR C 63 2.47 -25.63 -30.47
C TYR C 63 1.95 -26.97 -30.02
N ARG C 64 1.48 -27.77 -30.96
CA ARG C 64 0.48 -28.78 -30.61
C ARG C 64 0.96 -29.66 -29.45
N GLU C 65 2.24 -30.02 -29.49
CA GLU C 65 2.77 -30.90 -28.47
C GLU C 65 3.65 -30.21 -27.43
N ARG C 66 3.50 -28.91 -27.30
CA ARG C 66 4.40 -28.11 -26.46
C ARG C 66 3.73 -27.27 -25.35
N VAL C 67 2.44 -27.09 -25.47
CA VAL C 67 1.69 -26.28 -24.49
C VAL C 67 0.62 -27.08 -23.75
N GLU C 68 0.66 -27.08 -22.44
CA GLU C 68 -0.50 -27.60 -21.67
C GLU C 68 -0.93 -26.72 -20.48
N PHE C 69 -2.24 -26.58 -20.32
CA PHE C 69 -2.79 -25.94 -19.15
C PHE C 69 -2.52 -26.85 -18.02
N LEU C 70 -1.96 -26.27 -16.98
CA LEU C 70 -1.45 -27.06 -15.86
C LEU C 70 -2.68 -27.66 -15.24
N ARG C 71 -3.53 -26.76 -14.78
CA ARG C 71 -4.75 -27.13 -14.16
C ARG C 71 -5.89 -26.32 -14.76
N PRO C 72 -6.43 -26.75 -15.90
CA PRO C 72 -7.45 -25.96 -16.53
C PRO C 72 -8.62 -25.71 -15.58
N SER C 73 -9.11 -24.49 -15.62
CA SER C 73 -10.12 -24.11 -14.67
C SER C 73 -10.76 -22.83 -15.14
N PHE C 74 -11.94 -22.60 -14.63
CA PHE C 74 -12.57 -21.29 -14.78
C PHE C 74 -11.56 -20.13 -14.56
N THR C 75 -10.66 -20.30 -13.59
CA THR C 75 -9.88 -19.16 -13.02
C THR C 75 -8.38 -19.39 -13.00
N ASP C 76 -7.96 -20.51 -13.55
CA ASP C 76 -6.52 -20.77 -13.75
C ASP C 76 -6.24 -21.14 -15.21
N GLY C 77 -5.49 -20.26 -15.85
CA GLY C 77 -5.15 -20.43 -17.27
C GLY C 77 -3.69 -20.73 -17.49
N THR C 78 -2.97 -20.95 -16.40
CA THR C 78 -1.53 -21.20 -16.40
C THR C 78 -1.21 -22.31 -17.34
N ILE C 79 -0.23 -22.07 -18.19
CA ILE C 79 0.27 -23.08 -19.14
C ILE C 79 1.78 -23.28 -18.96
N ARG C 80 2.25 -24.39 -19.43
CA ARG C 80 3.69 -24.66 -19.54
C ARG C 80 4.01 -24.81 -20.98
N LEU C 81 5.02 -24.06 -21.39
CA LEU C 81 5.56 -24.11 -22.77
C LEU C 81 6.82 -24.92 -22.69
N SER C 82 6.87 -25.99 -23.46
CA SER C 82 7.93 -26.95 -23.30
C SER C 82 8.81 -26.91 -24.50
N ARG C 83 10.02 -27.42 -24.30
CA ARG C 83 11.05 -27.46 -25.38
C ARG C 83 11.11 -26.12 -26.13
N LEU C 84 11.54 -25.09 -25.43
CA LEU C 84 11.57 -23.73 -25.94
C LEU C 84 12.39 -23.63 -27.21
N GLU C 85 11.95 -22.80 -28.13
CA GLU C 85 12.76 -22.45 -29.34
C GLU C 85 12.80 -20.94 -29.64
N LEU C 86 13.84 -20.51 -30.33
CA LEU C 86 14.09 -19.07 -30.45
C LEU C 86 12.82 -18.31 -30.86
N GLU C 87 12.05 -18.93 -31.74
CA GLU C 87 10.81 -18.32 -32.32
C GLU C 87 9.74 -18.09 -31.29
N ASP C 88 9.95 -18.59 -30.10
CA ASP C 88 8.94 -18.42 -29.05
C ASP C 88 8.96 -17.05 -28.40
N GLU C 89 10.03 -16.31 -28.65
CA GLU C 89 10.20 -14.95 -28.05
C GLU C 89 9.01 -14.13 -28.33
N GLY C 90 8.64 -13.33 -27.37
CA GLY C 90 7.62 -12.33 -27.62
C GLY C 90 6.77 -12.09 -26.40
N VAL C 91 5.64 -11.45 -26.63
CA VAL C 91 4.73 -11.07 -25.57
C VAL C 91 3.56 -11.99 -25.55
N TYR C 92 3.28 -12.59 -24.40
CA TYR C 92 2.15 -13.55 -24.32
C TYR C 92 0.99 -12.93 -23.61
N ILE C 93 -0.15 -12.91 -24.28
CA ILE C 93 -1.34 -12.33 -23.70
C ILE C 93 -2.26 -13.43 -23.27
N CYS C 94 -2.60 -13.39 -21.99
CA CYS C 94 -3.56 -14.31 -21.43
C CYS C 94 -4.84 -13.57 -21.11
N GLU C 95 -5.90 -13.96 -21.80
CA GLU C 95 -7.20 -13.25 -21.76
C GLU C 95 -8.42 -14.11 -21.34
N PHE C 96 -9.12 -13.61 -20.35
CA PHE C 96 -10.33 -14.23 -19.84
C PHE C 96 -11.53 -13.50 -20.42
N ALA C 97 -12.30 -14.17 -21.24
CA ALA C 97 -13.55 -13.59 -21.76
C ALA C 97 -14.65 -13.97 -20.78
N THR C 98 -15.36 -12.97 -20.33
CA THR C 98 -16.32 -13.13 -19.25
C THR C 98 -17.60 -12.36 -19.56
N PHE C 99 -18.66 -12.79 -18.94
CA PHE C 99 -19.94 -12.13 -19.09
C PHE C 99 -20.48 -11.86 -17.68
N PRO C 100 -21.03 -10.66 -17.45
CA PRO C 100 -21.24 -9.61 -18.39
C PRO C 100 -20.15 -8.56 -18.43
N THR C 101 -19.02 -8.82 -17.81
CA THR C 101 -18.04 -7.75 -17.55
C THR C 101 -16.95 -7.55 -18.60
N GLY C 102 -16.94 -8.43 -19.57
CA GLY C 102 -15.99 -8.29 -20.66
C GLY C 102 -14.70 -9.05 -20.42
N ASN C 103 -13.66 -8.60 -21.08
CA ASN C 103 -12.39 -9.28 -21.06
C ASN C 103 -11.50 -8.77 -20.00
N ARG C 104 -10.67 -9.67 -19.53
CA ARG C 104 -9.66 -9.41 -18.53
C ARG C 104 -8.34 -9.99 -19.05
N GLU C 105 -7.34 -9.18 -19.33
CA GLU C 105 -6.11 -9.77 -19.81
C GLU C 105 -4.89 -9.37 -18.99
N SER C 106 -3.88 -10.21 -19.11
CA SER C 106 -2.55 -9.96 -18.58
C SER C 106 -1.47 -10.32 -19.62
N GLN C 107 -0.33 -9.67 -19.52
CA GLN C 107 0.74 -9.94 -20.46
C GLN C 107 1.95 -10.45 -19.71
N LEU C 108 2.81 -11.15 -20.42
CA LEU C 108 4.19 -11.37 -19.95
C LEU C 108 5.13 -11.52 -21.12
N ASN C 109 6.36 -11.07 -20.91
CA ASN C 109 7.40 -11.11 -21.93
C ASN C 109 8.15 -12.42 -21.82
N LEU C 110 8.29 -13.13 -22.92
CA LEU C 110 9.11 -14.33 -22.96
C LEU C 110 10.38 -14.06 -23.73
N THR C 111 11.50 -14.15 -23.05
CA THR C 111 12.80 -13.99 -23.70
C THR C 111 13.45 -15.36 -23.71
N VAL C 112 13.79 -15.82 -24.90
CA VAL C 112 14.44 -17.14 -25.07
C VAL C 112 15.93 -16.89 -25.23
N MET C 113 16.74 -17.55 -24.43
CA MET C 113 18.21 -17.39 -24.47
C MET C 113 18.91 -18.60 -25.12
N ALA C 114 20.08 -18.36 -25.65
CA ALA C 114 20.91 -19.44 -26.24
C ALA C 114 22.33 -19.33 -25.73
N LYS C 115 22.83 -20.42 -25.19
CA LYS C 115 24.22 -20.46 -24.68
C LYS C 115 25.15 -20.52 -25.88
N PRO C 116 26.10 -19.60 -25.99
CA PRO C 116 27.03 -19.62 -27.08
C PRO C 116 27.93 -20.84 -27.07
N THR C 117 28.56 -21.09 -28.20
CA THR C 117 29.61 -22.13 -28.32
C THR C 117 30.93 -21.43 -28.43
N ASN C 118 31.85 -21.76 -27.53
CA ASN C 118 33.09 -21.00 -27.45
C ASN C 118 34.32 -21.80 -27.79
N TRP C 119 35.24 -21.16 -28.49
CA TRP C 119 36.58 -21.72 -28.66
C TRP C 119 37.61 -20.73 -29.05
N ILE C 120 38.85 -21.20 -28.98
CA ILE C 120 40.01 -20.47 -29.50
C ILE C 120 40.69 -21.34 -30.52
N GLU C 121 41.28 -20.73 -31.52
CA GLU C 121 42.24 -21.47 -32.41
C GLU C 121 43.38 -20.55 -32.86
N GLY C 122 44.59 -21.08 -32.83
CA GLY C 122 45.77 -20.32 -33.31
C GLY C 122 45.85 -20.43 -34.82
N THR C 123 46.81 -19.72 -35.43
CA THR C 123 47.03 -19.84 -36.88
C THR C 123 47.64 -21.16 -37.14
N GLN C 124 47.37 -21.63 -38.33
CA GLN C 124 48.04 -22.82 -38.79
C GLN C 124 49.42 -22.45 -39.32
N ALA C 125 49.59 -21.17 -39.63
CA ALA C 125 50.87 -20.63 -40.09
C ALA C 125 51.92 -20.77 -39.02
N VAL C 126 53.18 -20.99 -39.41
CA VAL C 126 54.28 -20.94 -38.41
C VAL C 126 54.81 -19.53 -38.15
N LEU C 127 54.57 -19.09 -36.94
CA LEU C 127 55.01 -17.78 -36.51
C LEU C 127 56.54 -17.69 -36.53
N ARG C 128 57.01 -16.66 -37.17
CA ARG C 128 58.44 -16.46 -37.41
C ARG C 128 58.77 -15.00 -37.22
N ALA C 129 59.67 -14.72 -36.28
CA ALA C 129 60.15 -13.35 -36.03
C ALA C 129 61.03 -12.94 -37.17
N LYS C 130 61.06 -11.65 -37.44
CA LYS C 130 62.09 -11.10 -38.35
C LYS C 130 62.44 -9.63 -38.11
N LYS C 131 63.74 -9.36 -38.15
CA LYS C 131 64.27 -7.96 -38.11
C LYS C 131 63.71 -7.14 -39.28
N GLY C 132 63.15 -5.99 -38.97
CA GLY C 132 62.54 -5.10 -39.98
C GLY C 132 61.08 -5.36 -40.29
N GLN C 133 60.58 -6.47 -39.78
CA GLN C 133 59.14 -6.79 -39.87
C GLN C 133 58.41 -5.99 -38.81
N ASP C 134 57.71 -4.99 -39.27
CA ASP C 134 56.87 -4.15 -38.42
C ASP C 134 55.47 -4.73 -38.43
N ASP C 135 55.28 -5.79 -39.20
CA ASP C 135 53.94 -6.22 -39.63
C ASP C 135 53.24 -7.13 -38.63
N LYS C 136 52.08 -6.69 -38.16
CA LYS C 136 51.25 -7.46 -37.22
C LYS C 136 50.60 -8.64 -37.92
N VAL C 137 50.60 -9.77 -37.27
CA VAL C 137 50.16 -11.01 -37.92
C VAL C 137 49.08 -11.66 -37.08
N LEU C 138 48.12 -12.31 -37.72
CA LEU C 138 47.09 -13.04 -36.91
C LEU C 138 47.67 -14.21 -36.18
N VAL C 139 47.34 -14.36 -34.92
CA VAL C 139 47.97 -15.45 -34.15
C VAL C 139 46.97 -16.32 -33.38
N ALA C 140 45.80 -15.78 -33.12
CA ALA C 140 44.72 -16.59 -32.51
C ALA C 140 43.38 -15.93 -32.79
N THR C 141 42.36 -16.75 -32.89
CA THR C 141 41.00 -16.28 -33.10
C THR C 141 40.09 -16.88 -32.01
N CYS C 142 39.40 -15.99 -31.33
CA CYS C 142 38.46 -16.39 -30.26
C CYS C 142 37.03 -16.18 -30.75
N THR C 143 36.27 -17.25 -30.71
CA THR C 143 34.89 -17.24 -31.22
C THR C 143 33.89 -17.69 -30.18
N SER C 144 32.88 -16.87 -29.99
CA SER C 144 31.74 -17.21 -29.17
C SER C 144 30.51 -17.17 -30.07
N ALA C 145 30.10 -18.35 -30.50
CA ALA C 145 29.16 -18.51 -31.64
C ALA C 145 27.70 -18.70 -31.22
N ASN C 146 26.81 -18.07 -31.97
CA ASN C 146 25.32 -18.22 -31.82
C ASN C 146 24.76 -18.13 -30.39
N GLY C 147 25.21 -17.13 -29.68
CA GLY C 147 24.73 -16.89 -28.33
C GLY C 147 23.64 -15.85 -28.30
N LYS C 148 22.86 -15.85 -27.22
CA LYS C 148 21.82 -14.87 -27.03
C LYS C 148 21.48 -14.79 -25.58
N PRO C 149 21.64 -13.62 -24.95
CA PRO C 149 22.14 -12.41 -25.55
C PRO C 149 23.60 -12.58 -25.90
N PRO C 150 24.18 -11.60 -26.57
CA PRO C 150 25.56 -11.77 -27.01
C PRO C 150 26.46 -11.86 -25.83
N SER C 151 27.47 -12.70 -25.95
CA SER C 151 28.48 -12.82 -24.92
C SER C 151 29.47 -11.70 -25.12
N VAL C 152 30.45 -11.64 -24.25
CA VAL C 152 31.46 -10.57 -24.25
C VAL C 152 32.81 -11.23 -24.34
N VAL C 153 33.54 -10.93 -25.42
CA VAL C 153 34.85 -11.59 -25.64
C VAL C 153 35.97 -10.67 -25.25
N SER C 154 36.96 -11.25 -24.60
CA SER C 154 38.18 -10.53 -24.22
C SER C 154 39.38 -11.46 -24.13
N TRP C 155 40.55 -10.86 -23.99
CA TRP C 155 41.76 -11.63 -23.88
C TRP C 155 42.43 -11.46 -22.54
N GLU C 156 43.15 -12.51 -22.15
CA GLU C 156 43.94 -12.50 -20.92
C GLU C 156 45.31 -12.98 -21.28
N THR C 157 46.20 -12.02 -21.39
CA THR C 157 47.56 -12.28 -21.85
C THR C 157 48.43 -11.12 -21.48
N ARG C 158 49.69 -11.43 -21.35
CA ARG C 158 50.66 -10.38 -21.04
C ARG C 158 51.40 -9.98 -22.31
N LEU C 159 51.09 -10.66 -23.39
CA LEU C 159 51.56 -10.26 -24.72
C LEU C 159 50.99 -8.89 -25.00
N LYS C 160 51.70 -8.14 -25.83
CA LYS C 160 51.32 -6.74 -26.11
C LYS C 160 50.70 -6.45 -27.47
N GLY C 161 49.92 -7.41 -27.98
CA GLY C 161 49.21 -7.30 -29.27
C GLY C 161 47.91 -6.51 -29.31
N GLU C 162 47.32 -6.46 -30.48
CA GLU C 162 46.03 -5.75 -30.68
C GLU C 162 44.93 -6.77 -30.85
N ALA C 163 43.78 -6.50 -30.29
CA ALA C 163 42.62 -7.33 -30.62
C ALA C 163 41.56 -6.49 -31.32
N GLU C 164 41.02 -7.08 -32.38
CA GLU C 164 39.85 -6.55 -33.09
C GLU C 164 38.66 -7.46 -32.75
N TYR C 165 37.49 -6.86 -32.68
CA TYR C 165 36.29 -7.63 -32.32
C TYR C 165 35.20 -7.38 -33.31
N GLN C 166 34.47 -8.45 -33.60
CA GLN C 166 33.38 -8.41 -34.58
C GLN C 166 32.11 -9.14 -34.08
N GLU C 167 30.97 -8.53 -34.35
CA GLU C 167 29.68 -9.08 -33.98
C GLU C 167 28.79 -9.30 -35.17
N ILE C 168 28.32 -10.53 -35.30
CA ILE C 168 27.41 -10.89 -36.42
C ILE C 168 26.06 -11.28 -35.87
N ARG C 169 25.07 -10.48 -36.17
CA ARG C 169 23.71 -10.80 -35.71
C ARG C 169 23.07 -11.70 -36.74
N ASN C 170 22.81 -12.93 -36.37
CA ASN C 170 22.27 -13.92 -37.29
C ASN C 170 20.78 -13.71 -37.40
N PRO C 171 20.19 -14.23 -38.49
CA PRO C 171 18.75 -14.00 -38.68
C PRO C 171 17.91 -14.60 -37.54
N ASN C 172 18.30 -15.77 -37.01
CA ASN C 172 17.53 -16.43 -35.90
C ASN C 172 17.55 -15.59 -34.63
N GLY C 173 18.33 -14.51 -34.63
CA GLY C 173 18.38 -13.62 -33.46
C GLY C 173 19.54 -13.84 -32.54
N THR C 174 20.23 -14.94 -32.71
CA THR C 174 21.47 -15.17 -31.94
C THR C 174 22.57 -14.24 -32.48
N VAL C 175 23.70 -14.22 -31.80
CA VAL C 175 24.82 -13.34 -32.17
C VAL C 175 26.14 -14.05 -31.95
N THR C 176 26.90 -14.15 -33.03
CA THR C 176 28.30 -14.65 -32.96
C THR C 176 29.31 -13.48 -32.79
N VAL C 177 30.21 -13.64 -31.84
CA VAL C 177 31.26 -12.67 -31.53
C VAL C 177 32.59 -13.31 -31.84
N ILE C 178 33.32 -12.67 -32.72
CA ILE C 178 34.64 -13.14 -33.12
C ILE C 178 35.67 -12.07 -32.75
N SER C 179 36.77 -12.52 -32.18
CA SER C 179 37.93 -11.64 -31.94
C SER C 179 39.21 -12.21 -32.56
N ARG C 180 39.89 -11.36 -33.30
CA ARG C 180 41.14 -11.72 -33.93
C ARG C 180 42.29 -10.98 -33.27
N TYR C 181 43.26 -11.77 -32.82
CA TYR C 181 44.38 -11.26 -32.00
C TYR C 181 45.57 -11.25 -32.87
N ARG C 182 46.10 -10.06 -33.04
CA ARG C 182 47.24 -9.83 -33.93
C ARG C 182 48.44 -9.32 -33.13
N LEU C 183 49.63 -9.81 -33.46
CA LEU C 183 50.90 -9.21 -32.98
C LEU C 183 52.03 -9.33 -33.98
N VAL C 184 53.07 -8.56 -33.77
CA VAL C 184 54.32 -8.73 -34.55
C VAL C 184 55.29 -9.74 -33.84
N PRO C 185 55.47 -10.95 -34.41
CA PRO C 185 56.20 -12.06 -33.77
C PRO C 185 57.67 -11.72 -33.42
N SER C 186 58.07 -12.11 -32.23
CA SER C 186 59.39 -11.74 -31.66
C SER C 186 59.87 -12.80 -30.72
N ARG C 187 61.18 -12.77 -30.41
CA ARG C 187 61.80 -13.76 -29.50
C ARG C 187 60.99 -13.80 -28.19
N GLU C 188 60.75 -12.62 -27.64
CA GLU C 188 60.07 -12.48 -26.33
C GLU C 188 58.64 -13.00 -26.36
N ALA C 189 58.03 -12.95 -27.52
CA ALA C 189 56.65 -13.47 -27.68
C ALA C 189 56.56 -15.01 -27.62
N HIS C 190 57.69 -15.66 -27.82
CA HIS C 190 57.71 -17.12 -27.81
C HIS C 190 57.35 -17.66 -26.47
N GLN C 191 56.63 -18.77 -26.48
CA GLN C 191 56.16 -19.47 -25.23
C GLN C 191 55.33 -18.63 -24.23
N GLN C 192 54.98 -17.43 -24.64
CA GLN C 192 54.01 -16.60 -23.95
C GLN C 192 52.63 -17.23 -24.09
N SER C 193 51.85 -17.23 -23.03
CA SER C 193 50.48 -17.78 -23.13
C SER C 193 49.46 -16.71 -23.45
N LEU C 194 48.47 -17.12 -24.21
CA LEU C 194 47.40 -16.24 -24.70
C LEU C 194 46.05 -16.95 -24.46
N ALA C 195 45.18 -16.32 -23.69
CA ALA C 195 43.93 -16.96 -23.30
C ALA C 195 42.78 -16.14 -23.79
N CYS C 196 41.87 -16.76 -24.49
CA CYS C 196 40.66 -16.04 -24.82
C CYS C 196 39.62 -16.31 -23.72
N ILE C 197 38.86 -15.28 -23.43
CA ILE C 197 37.94 -15.25 -22.30
C ILE C 197 36.56 -14.79 -22.76
N VAL C 198 35.56 -15.63 -22.55
CA VAL C 198 34.19 -15.23 -22.88
C VAL C 198 33.26 -15.31 -21.64
N ASN C 199 32.62 -14.18 -21.36
CA ASN C 199 31.67 -14.06 -20.25
C ASN C 199 30.24 -14.10 -20.75
N TYR C 200 29.50 -15.12 -20.29
CA TYR C 200 28.09 -15.27 -20.65
C TYR C 200 27.22 -15.68 -19.46
N HIS C 201 26.21 -14.89 -19.22
CA HIS C 201 25.22 -15.17 -18.15
C HIS C 201 25.93 -15.45 -16.84
N MET C 202 26.89 -14.60 -16.52
CA MET C 202 27.68 -14.69 -15.29
C MET C 202 28.76 -15.80 -15.41
N ASP C 203 28.79 -16.46 -16.55
CA ASP C 203 29.73 -17.53 -16.80
C ASP C 203 31.03 -16.97 -17.37
N ARG C 204 32.14 -17.50 -16.90
CA ARG C 204 33.46 -17.09 -17.38
C ARG C 204 34.20 -18.24 -18.07
N PHE C 205 34.01 -18.36 -19.38
CA PHE C 205 34.76 -19.37 -20.17
C PHE C 205 36.20 -18.90 -20.43
N LYS C 206 37.14 -19.82 -20.41
CA LYS C 206 38.54 -19.53 -20.72
C LYS C 206 39.24 -20.69 -21.42
N GLU C 207 39.98 -20.37 -22.45
CA GLU C 207 40.78 -21.37 -23.19
C GLU C 207 42.09 -20.75 -23.68
N SER C 208 43.19 -21.44 -23.46
CA SER C 208 44.55 -20.86 -23.68
C SER C 208 45.38 -21.50 -24.79
N LEU C 209 46.16 -20.67 -25.44
CA LEU C 209 47.23 -21.07 -26.37
C LEU C 209 48.58 -20.75 -25.79
N THR C 210 49.57 -21.53 -26.17
CA THR C 210 50.95 -21.07 -25.98
C THR C 210 51.58 -20.81 -27.35
N LEU C 211 52.00 -19.57 -27.52
CA LEU C 211 52.62 -19.14 -28.76
C LEU C 211 53.93 -19.93 -29.03
N ASN C 212 54.10 -20.26 -30.29
CA ASN C 212 55.34 -20.82 -30.78
C ASN C 212 55.90 -19.91 -31.89
N VAL C 213 56.91 -19.16 -31.53
CA VAL C 213 57.56 -18.25 -32.46
C VAL C 213 58.99 -18.70 -32.74
N GLN C 214 59.30 -18.84 -34.01
CA GLN C 214 60.68 -19.19 -34.46
C GLN C 214 61.51 -17.94 -34.70
N TYR C 215 62.80 -18.02 -34.39
CA TYR C 215 63.68 -16.84 -34.51
C TYR C 215 65.16 -17.20 -34.69
N GLU C 216 65.88 -16.31 -35.37
CA GLU C 216 67.35 -16.42 -35.56
C GLU C 216 68.05 -16.39 -34.20
N PRO C 217 69.19 -17.09 -34.07
CA PRO C 217 69.87 -17.20 -32.80
C PRO C 217 70.38 -15.89 -32.23
N GLU C 218 70.26 -15.78 -30.92
CA GLU C 218 70.92 -14.70 -30.16
C GLU C 218 72.04 -15.36 -29.35
N VAL C 219 73.27 -15.09 -29.74
CA VAL C 219 74.45 -15.80 -29.22
C VAL C 219 75.17 -15.10 -28.07
N THR C 220 75.44 -15.87 -27.06
CA THR C 220 76.13 -15.41 -25.86
C THR C 220 77.29 -16.36 -25.63
N ILE C 221 78.41 -15.86 -25.13
CA ILE C 221 79.50 -16.76 -24.71
C ILE C 221 79.80 -16.55 -23.23
N GLU C 222 79.70 -17.63 -22.48
CA GLU C 222 79.89 -17.62 -21.01
C GLU C 222 81.21 -18.32 -20.64
N GLY C 223 81.33 -18.72 -19.39
CA GLY C 223 82.54 -19.39 -18.93
C GLY C 223 83.79 -18.53 -18.85
N PHE C 224 83.71 -17.32 -19.40
CA PHE C 224 84.79 -16.34 -19.21
C PHE C 224 84.73 -15.76 -17.80
N ASP C 225 85.90 -15.63 -17.24
CA ASP C 225 86.08 -15.24 -15.87
C ASP C 225 86.95 -14.00 -15.89
N GLY C 226 86.68 -13.09 -14.98
CA GLY C 226 87.49 -11.88 -14.83
C GLY C 226 88.99 -12.12 -14.93
N ASN C 227 89.47 -13.03 -14.11
CA ASN C 227 90.89 -13.41 -14.08
C ASN C 227 91.17 -14.76 -14.73
N TRP C 228 92.13 -14.74 -15.64
CA TRP C 228 92.74 -15.94 -16.17
C TRP C 228 94.23 -15.78 -16.06
N TYR C 229 94.83 -16.66 -15.27
CA TYR C 229 96.27 -16.55 -14.94
C TYR C 229 97.14 -16.60 -16.16
N LEU C 230 98.38 -16.26 -15.95
CA LEU C 230 99.43 -16.96 -16.65
C LEU C 230 99.29 -18.37 -16.05
N GLN C 231 99.22 -19.35 -16.92
CA GLN C 231 99.25 -20.79 -16.56
C GLN C 231 98.15 -21.31 -15.57
N ARG C 232 96.93 -20.82 -15.70
CA ARG C 232 95.76 -21.43 -15.01
C ARG C 232 95.37 -22.74 -15.70
N MET C 233 94.76 -23.68 -14.98
CA MET C 233 94.38 -24.97 -15.59
C MET C 233 93.05 -24.96 -16.35
N ASP C 234 93.06 -25.73 -17.43
CA ASP C 234 91.88 -26.48 -17.94
C ASP C 234 90.53 -25.74 -18.00
N VAL C 235 90.53 -24.63 -18.71
CA VAL C 235 89.38 -23.70 -18.68
C VAL C 235 88.56 -23.74 -19.96
N LYS C 236 87.25 -23.68 -19.80
CA LYS C 236 86.31 -23.79 -20.95
C LYS C 236 85.64 -22.47 -21.31
N LEU C 237 85.30 -22.34 -22.58
CA LEU C 237 84.32 -21.35 -23.08
C LEU C 237 83.08 -22.07 -23.61
N THR C 238 81.92 -21.54 -23.27
CA THR C 238 80.69 -22.24 -23.61
C THR C 238 79.71 -21.30 -24.33
N CYS C 239 79.25 -21.73 -25.49
CA CYS C 239 78.41 -20.90 -26.39
C CYS C 239 76.93 -21.26 -26.29
N LYS C 240 76.24 -20.54 -25.43
CA LYS C 240 74.78 -20.70 -25.26
C LYS C 240 74.11 -19.83 -26.29
N ALA C 241 73.55 -20.48 -27.29
CA ALA C 241 72.87 -19.80 -28.44
C ALA C 241 71.37 -20.02 -28.47
N ASP C 242 70.68 -18.98 -28.02
CA ASP C 242 69.22 -18.95 -27.87
C ASP C 242 68.54 -18.85 -29.23
N ALA C 243 67.92 -19.96 -29.62
CA ALA C 243 67.23 -20.07 -30.89
C ALA C 243 66.03 -21.02 -30.82
N ASN C 244 65.13 -20.79 -31.74
CA ASN C 244 63.96 -21.64 -31.96
C ASN C 244 63.62 -21.65 -33.46
N PRO C 245 63.62 -22.85 -34.06
CA PRO C 245 63.99 -24.09 -33.40
C PRO C 245 65.47 -24.06 -32.92
N PRO C 246 65.89 -25.00 -32.04
CA PRO C 246 67.22 -24.96 -31.49
C PRO C 246 68.27 -25.02 -32.59
N ALA C 247 69.43 -24.43 -32.32
CA ALA C 247 70.54 -24.40 -33.27
C ALA C 247 71.14 -25.80 -33.44
N THR C 248 71.48 -26.11 -34.68
CA THR C 248 72.08 -27.43 -35.05
C THR C 248 73.60 -27.43 -35.33
N GLU C 249 74.15 -26.24 -35.52
CA GLU C 249 75.58 -26.07 -35.80
C GLU C 249 76.26 -24.97 -35.00
N TYR C 250 77.43 -25.31 -34.49
CA TYR C 250 78.25 -24.35 -33.76
C TYR C 250 79.67 -24.34 -34.34
N HIS C 251 80.03 -23.20 -34.92
CA HIS C 251 81.38 -23.00 -35.47
C HIS C 251 82.16 -21.83 -34.87
N TRP C 252 83.38 -22.15 -34.44
CA TRP C 252 84.27 -21.20 -33.74
C TRP C 252 85.30 -20.55 -34.64
N THR C 253 85.69 -19.34 -34.25
CA THR C 253 86.74 -18.57 -34.92
C THR C 253 87.27 -17.48 -33.99
N THR C 254 88.39 -16.88 -34.38
CA THR C 254 88.89 -15.66 -33.73
C THR C 254 88.65 -14.43 -34.63
N LEU C 255 88.68 -13.25 -34.03
CA LEU C 255 88.45 -11.98 -34.77
C LEU C 255 89.63 -11.68 -35.67
N ASN C 256 90.72 -12.40 -35.42
CA ASN C 256 91.98 -12.26 -36.19
C ASN C 256 92.26 -13.51 -37.05
N GLY C 257 91.17 -14.19 -37.40
CA GLY C 257 91.19 -15.37 -38.30
C GLY C 257 91.44 -16.72 -37.66
N SER C 258 92.67 -16.92 -37.17
CA SER C 258 93.13 -18.25 -36.73
C SER C 258 92.95 -18.58 -35.25
N LEU C 259 92.60 -19.83 -35.02
CA LEU C 259 92.43 -20.40 -33.67
C LEU C 259 93.78 -20.92 -33.12
N PRO C 260 94.28 -20.29 -32.04
CA PRO C 260 95.54 -20.72 -31.42
C PRO C 260 95.55 -22.19 -30.97
N LYS C 261 96.25 -23.01 -31.75
CA LYS C 261 96.49 -24.42 -31.37
C LYS C 261 97.33 -24.40 -30.08
N GLY C 262 96.97 -25.20 -29.09
CA GLY C 262 95.82 -26.13 -29.14
C GLY C 262 94.64 -25.74 -28.27
N VAL C 263 93.64 -25.20 -28.92
CA VAL C 263 92.32 -24.98 -28.29
C VAL C 263 91.35 -25.86 -29.03
N GLU C 264 90.81 -26.85 -28.35
CA GLU C 264 89.93 -27.82 -29.02
C GLU C 264 88.48 -27.39 -28.98
N ALA C 265 87.83 -27.53 -30.12
CA ALA C 265 86.40 -27.24 -30.27
C ALA C 265 85.61 -28.56 -30.31
N GLN C 266 84.86 -28.76 -29.26
CA GLN C 266 83.81 -29.75 -29.25
C GLN C 266 82.72 -28.69 -29.35
N ASN C 267 81.68 -29.01 -30.12
CA ASN C 267 80.82 -27.99 -30.74
C ASN C 267 80.14 -27.28 -29.63
N ARG C 268 80.30 -25.96 -29.63
CA ARG C 268 79.56 -25.13 -28.70
C ARG C 268 80.19 -25.24 -27.32
N THR C 269 81.29 -25.95 -27.29
CA THR C 269 82.25 -25.83 -26.17
C THR C 269 83.66 -25.70 -26.77
N LEU C 270 84.42 -24.82 -26.15
CA LEU C 270 85.74 -24.40 -26.68
C LEU C 270 86.74 -24.54 -25.54
N PHE C 271 87.33 -25.72 -25.47
CA PHE C 271 88.22 -26.11 -24.37
C PHE C 271 89.66 -25.67 -24.54
N PHE C 272 90.19 -25.11 -23.46
CA PHE C 272 91.62 -24.79 -23.34
C PHE C 272 92.30 -25.75 -22.37
N LYS C 273 93.23 -26.53 -22.89
CA LYS C 273 93.92 -27.53 -22.07
C LYS C 273 94.97 -26.91 -21.19
N GLY C 274 94.85 -27.18 -19.90
CA GLY C 274 95.93 -26.94 -18.91
C GLY C 274 96.53 -25.57 -19.12
N PRO C 275 97.85 -25.50 -19.34
CA PRO C 275 98.60 -24.26 -19.29
C PRO C 275 98.04 -23.18 -20.21
N ILE C 276 97.91 -22.00 -19.66
CA ILE C 276 97.54 -20.77 -20.41
C ILE C 276 98.78 -19.89 -20.52
N ASN C 277 98.80 -19.00 -21.50
CA ASN C 277 99.97 -18.14 -21.69
C ASN C 277 99.59 -16.72 -22.05
N TYR C 278 100.57 -15.93 -22.46
CA TYR C 278 100.30 -14.55 -22.89
C TYR C 278 99.75 -14.48 -24.33
N SER C 279 100.02 -15.54 -25.09
CA SER C 279 99.24 -15.85 -26.28
C SER C 279 97.90 -16.33 -25.76
N LEU C 280 96.95 -16.53 -26.65
CA LEU C 280 95.52 -16.81 -26.29
C LEU C 280 94.77 -15.51 -25.93
N ALA C 281 95.43 -14.39 -26.16
CA ALA C 281 94.74 -13.11 -26.18
C ALA C 281 93.89 -13.15 -27.44
N GLY C 282 92.70 -12.60 -27.38
CA GLY C 282 91.86 -12.41 -28.57
C GLY C 282 90.35 -12.53 -28.45
N THR C 283 89.69 -11.92 -29.41
CA THR C 283 88.23 -12.03 -29.53
C THR C 283 87.90 -13.43 -29.98
N TYR C 284 86.96 -14.06 -29.30
CA TYR C 284 86.49 -15.37 -29.71
C TYR C 284 85.04 -15.27 -30.14
N ILE C 285 84.73 -15.90 -31.26
CA ILE C 285 83.37 -15.79 -31.87
C ILE C 285 82.73 -17.17 -32.14
N CYS C 286 81.50 -17.30 -31.68
CA CYS C 286 80.69 -18.49 -31.92
C CYS C 286 79.68 -18.15 -33.00
N GLU C 287 79.57 -19.00 -34.01
CA GLU C 287 78.56 -18.81 -35.07
C GLU C 287 77.55 -19.93 -35.05
N ALA C 288 76.40 -19.62 -34.48
CA ALA C 288 75.27 -20.55 -34.39
C ALA C 288 74.38 -20.48 -35.63
N THR C 289 73.86 -21.64 -36.00
CA THR C 289 72.98 -21.74 -37.15
C THR C 289 71.80 -22.56 -36.81
N ASN C 290 70.67 -22.07 -37.29
CA ASN C 290 69.41 -22.77 -37.13
C ASN C 290 68.59 -22.47 -38.36
N PRO C 291 67.53 -23.26 -38.63
CA PRO C 291 66.70 -23.17 -39.81
C PRO C 291 66.38 -21.75 -40.23
N ILE C 292 66.17 -20.89 -39.24
CA ILE C 292 65.96 -19.46 -39.50
C ILE C 292 67.24 -18.80 -39.93
N GLY C 293 68.28 -19.11 -39.20
CA GLY C 293 69.29 -18.14 -38.99
C GLY C 293 70.73 -18.53 -39.19
N THR C 294 71.54 -17.50 -39.01
CA THR C 294 72.94 -17.62 -38.62
C THR C 294 73.30 -16.32 -37.98
N ARG C 295 73.96 -16.44 -36.85
CA ARG C 295 74.25 -15.29 -36.03
C ARG C 295 75.41 -15.60 -35.07
N SER C 296 76.08 -14.58 -34.58
CA SER C 296 77.30 -14.80 -33.80
C SER C 296 77.45 -13.90 -32.57
N GLY C 297 78.32 -14.36 -31.70
CA GLY C 297 78.64 -13.70 -30.43
C GLY C 297 80.15 -13.63 -30.23
N GLN C 298 80.57 -12.98 -29.16
CA GLN C 298 81.99 -12.67 -28.94
C GLN C 298 82.38 -12.61 -27.48
N VAL C 299 83.68 -12.67 -27.26
CA VAL C 299 84.30 -12.33 -25.98
C VAL C 299 85.71 -11.82 -26.19
N GLU C 300 86.04 -10.70 -25.56
CA GLU C 300 87.45 -10.30 -25.45
C GLU C 300 88.08 -11.00 -24.24
N VAL C 301 89.16 -11.69 -24.51
CA VAL C 301 89.83 -12.52 -23.50
C VAL C 301 91.12 -11.89 -22.91
N ASN C 302 91.12 -11.76 -21.60
CA ASN C 302 92.29 -11.35 -20.80
C ASN C 302 93.05 -12.46 -20.09
N ILE C 303 94.35 -12.30 -20.07
CA ILE C 303 95.21 -13.21 -19.31
C ILE C 303 96.38 -12.46 -18.68
N THR C 304 96.44 -12.50 -17.36
CA THR C 304 97.55 -11.87 -16.58
C THR C 304 97.95 -12.68 -15.32
N GLU C 305 99.06 -12.28 -14.74
CA GLU C 305 99.66 -12.93 -13.53
C GLU C 305 98.70 -13.22 -12.36
N PHE C 306 97.81 -12.28 -12.10
CA PHE C 306 96.83 -12.41 -10.96
C PHE C 306 96.14 -13.77 -10.98
N ASN D 6 -6.53 1.29 -39.81
CA ASN D 6 -6.83 1.27 -41.27
C ASN D 6 -8.25 1.71 -41.65
N ASP D 7 -9.06 1.90 -40.63
CA ASP D 7 -10.43 2.31 -40.85
C ASP D 7 -10.85 3.35 -39.86
N SER D 8 -11.34 4.47 -40.36
CA SER D 8 -11.72 5.59 -39.49
C SER D 8 -13.13 6.05 -39.61
N MET D 9 -13.73 6.21 -38.46
CA MET D 9 -15.10 6.74 -38.34
C MET D 9 -15.07 8.13 -37.72
N TYR D 10 -15.89 9.03 -38.25
CA TYR D 10 -16.05 10.37 -37.67
C TYR D 10 -17.52 10.60 -37.46
N GLY D 11 -17.84 11.20 -36.33
CA GLY D 11 -19.21 11.67 -36.05
C GLY D 11 -19.20 12.95 -35.27
N PHE D 12 -20.26 13.73 -35.37
CA PHE D 12 -20.42 14.92 -34.51
C PHE D 12 -21.01 14.61 -33.14
N ILE D 13 -20.57 15.39 -32.17
CA ILE D 13 -21.08 15.35 -30.79
C ILE D 13 -22.57 15.28 -30.88
N GLY D 14 -23.15 14.37 -30.15
CA GLY D 14 -24.64 14.24 -30.11
C GLY D 14 -25.24 13.27 -31.12
N THR D 15 -24.53 12.99 -32.20
CA THR D 15 -25.06 12.15 -33.28
C THR D 15 -24.77 10.69 -33.03
N ASP D 16 -25.24 9.84 -33.92
CA ASP D 16 -25.04 8.38 -33.76
C ASP D 16 -24.09 7.86 -34.83
N VAL D 17 -23.21 6.96 -34.46
CA VAL D 17 -22.45 6.20 -35.47
C VAL D 17 -22.67 4.68 -35.38
N VAL D 18 -22.62 4.03 -36.52
CA VAL D 18 -22.72 2.57 -36.57
C VAL D 18 -21.33 1.96 -36.78
N LEU D 19 -20.89 1.18 -35.79
CA LEU D 19 -19.58 0.52 -35.83
C LEU D 19 -19.70 -0.93 -36.28
N HIS D 20 -19.28 -1.19 -37.51
CA HIS D 20 -19.35 -2.53 -38.13
C HIS D 20 -18.27 -3.48 -37.68
N CYS D 21 -18.70 -4.70 -37.47
CA CYS D 21 -17.85 -5.83 -37.07
C CYS D 21 -18.52 -7.10 -37.58
N SER D 22 -17.80 -7.91 -38.33
CA SER D 22 -18.34 -9.20 -38.78
C SER D 22 -17.27 -10.28 -39.00
N PHE D 23 -17.67 -11.54 -38.85
CA PHE D 23 -16.73 -12.66 -38.95
C PHE D 23 -16.71 -13.29 -40.34
N ALA D 24 -15.53 -13.22 -40.95
CA ALA D 24 -15.33 -13.59 -42.38
C ALA D 24 -15.83 -15.02 -42.74
N ASN D 25 -15.28 -16.01 -42.07
CA ASN D 25 -15.45 -17.41 -42.53
C ASN D 25 -15.99 -18.39 -41.49
N PRO D 26 -17.17 -18.08 -40.90
CA PRO D 26 -17.73 -19.00 -39.93
C PRO D 26 -17.80 -20.37 -40.61
N LEU D 27 -17.44 -21.39 -39.86
CA LEU D 27 -17.35 -22.73 -40.43
C LEU D 27 -18.14 -23.73 -39.61
N PRO D 28 -18.46 -24.89 -40.18
CA PRO D 28 -19.25 -25.82 -39.40
C PRO D 28 -18.55 -26.16 -38.08
N SER D 29 -17.28 -26.46 -38.19
CA SER D 29 -16.46 -26.83 -37.03
C SER D 29 -16.32 -25.72 -35.97
N VAL D 30 -16.24 -24.48 -36.45
CA VAL D 30 -15.86 -23.31 -35.62
C VAL D 30 -17.04 -22.63 -34.93
N LYS D 31 -16.95 -22.57 -33.61
CA LYS D 31 -18.06 -22.09 -32.77
C LYS D 31 -17.72 -20.78 -32.11
N ILE D 32 -18.56 -19.79 -32.37
CA ILE D 32 -18.38 -18.47 -31.76
C ILE D 32 -18.92 -18.49 -30.35
N THR D 33 -18.05 -18.21 -29.41
CA THR D 33 -18.38 -18.21 -27.98
C THR D 33 -18.92 -16.89 -27.47
N GLN D 34 -18.24 -15.83 -27.84
CA GLN D 34 -18.55 -14.51 -27.34
C GLN D 34 -18.04 -13.43 -28.26
N VAL D 35 -18.81 -12.37 -28.39
CA VAL D 35 -18.36 -11.16 -29.12
C VAL D 35 -18.17 -9.94 -28.20
N THR D 36 -16.99 -9.34 -28.21
CA THR D 36 -16.69 -8.23 -27.28
C THR D 36 -16.12 -6.98 -27.97
N TRP D 37 -16.75 -5.87 -27.69
CA TRP D 37 -16.25 -4.57 -28.09
C TRP D 37 -15.51 -3.98 -26.94
N GLN D 38 -14.31 -3.54 -27.22
CA GLN D 38 -13.46 -2.91 -26.22
C GLN D 38 -12.95 -1.56 -26.73
N LYS D 39 -12.69 -0.67 -25.81
CA LYS D 39 -12.12 0.64 -26.13
C LYS D 39 -10.69 0.76 -25.66
N SER D 40 -9.84 1.24 -26.53
CA SER D 40 -8.40 1.47 -26.24
C SER D 40 -8.03 2.96 -26.20
N THR D 41 -8.11 3.51 -25.01
CA THR D 41 -7.79 4.94 -24.79
C THR D 41 -6.27 4.99 -24.65
N ASN D 42 -5.59 4.70 -25.75
CA ASN D 42 -4.10 4.75 -25.83
C ASN D 42 -3.11 4.06 -24.87
N GLY D 43 -3.28 2.77 -24.70
CA GLY D 43 -2.38 1.95 -23.89
C GLY D 43 -3.28 1.12 -23.00
N SER D 44 -4.37 1.77 -22.58
CA SER D 44 -5.37 1.10 -21.73
C SER D 44 -6.37 0.34 -22.59
N LYS D 45 -7.19 -0.45 -21.94
CA LYS D 45 -8.22 -1.25 -22.65
C LYS D 45 -9.43 -1.50 -21.75
N GLN D 46 -10.51 -0.83 -22.05
CA GLN D 46 -11.74 -0.97 -21.30
C GLN D 46 -12.82 -1.66 -22.13
N ASN D 47 -13.64 -2.47 -21.46
CA ASN D 47 -14.75 -3.18 -22.14
C ASN D 47 -15.92 -2.26 -22.46
N VAL D 48 -16.61 -2.51 -23.56
CA VAL D 48 -17.73 -1.65 -23.98
C VAL D 48 -19.04 -2.38 -23.94
N ALA D 49 -19.15 -3.36 -24.82
CA ALA D 49 -20.37 -4.15 -24.99
C ALA D 49 -19.98 -5.58 -25.27
N ILE D 50 -20.80 -6.50 -24.82
CA ILE D 50 -20.56 -7.92 -25.02
C ILE D 50 -21.84 -8.55 -25.54
N TYR D 51 -21.70 -9.42 -26.53
CA TYR D 51 -22.79 -10.29 -27.00
C TYR D 51 -22.40 -11.73 -26.85
N ASN D 52 -23.12 -12.40 -25.99
CA ASN D 52 -22.90 -13.83 -25.76
C ASN D 52 -24.15 -14.59 -26.12
N PRO D 53 -24.08 -15.44 -27.16
CA PRO D 53 -25.21 -16.26 -27.63
C PRO D 53 -25.99 -16.97 -26.52
N SER D 54 -25.29 -17.51 -25.53
CA SER D 54 -26.00 -18.18 -24.40
C SER D 54 -26.56 -17.23 -23.36
N MET D 55 -26.00 -16.03 -23.29
CA MET D 55 -26.20 -15.18 -22.09
C MET D 55 -26.72 -13.80 -22.36
N GLY D 56 -26.70 -13.44 -23.62
CA GLY D 56 -27.35 -12.22 -24.10
C GLY D 56 -26.38 -11.12 -24.34
N VAL D 57 -26.88 -9.93 -24.09
CA VAL D 57 -26.13 -8.70 -24.30
C VAL D 57 -25.74 -8.06 -22.99
N SER D 58 -24.58 -7.43 -23.01
CA SER D 58 -24.06 -6.73 -21.82
C SER D 58 -23.44 -5.42 -22.20
N VAL D 59 -24.01 -4.34 -21.72
CA VAL D 59 -23.45 -3.03 -22.00
C VAL D 59 -22.92 -2.42 -20.72
N LEU D 60 -21.67 -1.94 -20.76
CA LEU D 60 -20.97 -1.42 -19.55
C LEU D 60 -21.00 0.08 -19.49
N ALA D 61 -21.14 0.61 -18.27
CA ALA D 61 -20.93 2.03 -18.03
C ALA D 61 -19.54 2.37 -18.55
N PRO D 62 -19.36 3.50 -19.26
CA PRO D 62 -20.26 4.64 -19.54
C PRO D 62 -21.05 4.55 -20.84
N TYR D 63 -21.60 3.39 -21.12
CA TYR D 63 -22.40 3.24 -22.33
C TYR D 63 -23.87 2.83 -22.06
N ARG D 64 -24.31 2.86 -20.81
CA ARG D 64 -25.51 2.13 -20.44
C ARG D 64 -26.70 2.22 -21.40
N GLU D 65 -27.11 3.42 -21.76
CA GLU D 65 -28.29 3.51 -22.61
C GLU D 65 -27.91 3.96 -24.00
N ARG D 66 -26.68 3.69 -24.39
CA ARG D 66 -26.15 4.31 -25.61
C ARG D 66 -25.66 3.32 -26.67
N VAL D 67 -25.58 2.06 -26.29
CA VAL D 67 -25.17 1.02 -27.23
C VAL D 67 -26.18 -0.11 -27.42
N GLU D 68 -26.42 -0.49 -28.67
CA GLU D 68 -27.09 -1.79 -28.95
C GLU D 68 -26.56 -2.49 -30.18
N PHE D 69 -26.53 -3.82 -30.13
CA PHE D 69 -26.17 -4.62 -31.31
C PHE D 69 -27.29 -4.54 -32.31
N LEU D 70 -26.92 -4.32 -33.55
CA LEU D 70 -27.90 -4.09 -34.60
C LEU D 70 -28.53 -5.37 -35.05
N ARG D 71 -27.74 -6.40 -35.19
CA ARG D 71 -28.28 -7.71 -35.59
C ARG D 71 -27.46 -8.84 -34.99
N PRO D 72 -27.55 -9.00 -33.68
CA PRO D 72 -26.62 -9.88 -32.98
C PRO D 72 -26.69 -11.25 -33.58
N SER D 73 -25.53 -11.85 -33.72
CA SER D 73 -25.44 -13.10 -34.51
C SER D 73 -24.08 -13.71 -34.29
N PHE D 74 -23.98 -14.98 -34.65
CA PHE D 74 -22.70 -15.67 -34.62
C PHE D 74 -21.65 -14.93 -35.45
N THR D 75 -22.11 -14.09 -36.36
CA THR D 75 -21.21 -13.57 -37.39
C THR D 75 -21.22 -12.05 -37.55
N ASP D 76 -22.12 -11.42 -36.82
CA ASP D 76 -22.27 -9.97 -36.91
C ASP D 76 -22.40 -9.38 -35.51
N GLY D 77 -21.46 -8.51 -35.22
CA GLY D 77 -21.41 -7.87 -33.90
C GLY D 77 -21.53 -6.38 -33.98
N THR D 78 -21.93 -5.92 -35.13
CA THR D 78 -22.11 -4.49 -35.39
C THR D 78 -23.00 -3.86 -34.37
N ILE D 79 -22.58 -2.70 -33.91
CA ILE D 79 -23.32 -1.92 -32.90
C ILE D 79 -23.62 -0.48 -33.37
N ARG D 80 -24.63 0.12 -32.76
CA ARG D 80 -24.83 1.55 -32.86
C ARG D 80 -24.50 2.24 -31.52
N LEU D 81 -23.63 3.23 -31.62
CA LEU D 81 -23.25 4.11 -30.53
C LEU D 81 -24.01 5.40 -30.70
N SER D 82 -24.83 5.73 -29.71
CA SER D 82 -25.74 6.87 -29.83
C SER D 82 -25.32 8.04 -28.99
N ARG D 83 -25.78 9.21 -29.40
CA ARG D 83 -25.50 10.46 -28.67
C ARG D 83 -24.01 10.57 -28.28
N LEU D 84 -23.20 10.65 -29.29
CA LEU D 84 -21.74 10.70 -29.17
C LEU D 84 -21.32 11.78 -28.21
N GLU D 85 -20.33 11.47 -27.39
CA GLU D 85 -19.65 12.49 -26.55
C GLU D 85 -18.12 12.51 -26.70
N LEU D 86 -17.52 13.63 -26.34
CA LEU D 86 -16.09 13.82 -26.62
C LEU D 86 -15.25 12.63 -26.12
N GLU D 87 -15.54 12.15 -24.93
CA GLU D 87 -14.85 10.99 -24.34
C GLU D 87 -14.98 9.68 -25.14
N ASP D 88 -15.79 9.65 -26.16
CA ASP D 88 -15.94 8.41 -26.94
C ASP D 88 -14.80 8.19 -27.92
N GLU D 89 -14.01 9.23 -28.15
CA GLU D 89 -12.84 9.15 -29.08
C GLU D 89 -12.02 7.97 -28.70
N GLY D 90 -11.56 7.22 -29.67
CA GLY D 90 -10.62 6.18 -29.37
C GLY D 90 -10.65 5.12 -30.42
N VAL D 91 -9.94 4.04 -30.12
CA VAL D 91 -9.81 2.95 -31.07
C VAL D 91 -10.66 1.85 -30.57
N TYR D 92 -11.58 1.39 -31.38
CA TYR D 92 -12.55 0.34 -30.96
C TYR D 92 -12.10 -0.99 -31.53
N ILE D 93 -11.89 -1.94 -30.64
CA ILE D 93 -11.57 -3.32 -30.99
C ILE D 93 -12.80 -4.18 -30.83
N CYS D 94 -13.15 -4.83 -31.91
CA CYS D 94 -14.23 -5.81 -31.85
C CYS D 94 -13.63 -7.19 -32.02
N GLU D 95 -13.85 -8.01 -31.02
CA GLU D 95 -13.14 -9.30 -30.87
C GLU D 95 -14.09 -10.49 -30.70
N PHE D 96 -13.91 -11.46 -31.59
CA PHE D 96 -14.71 -12.70 -31.59
C PHE D 96 -13.94 -13.81 -30.90
N ALA D 97 -14.46 -14.25 -29.77
CA ALA D 97 -13.89 -15.41 -29.08
C ALA D 97 -14.53 -16.68 -29.63
N THR D 98 -13.69 -17.60 -30.08
CA THR D 98 -14.15 -18.79 -30.79
C THR D 98 -13.38 -20.03 -30.38
N PHE D 99 -14.06 -21.15 -30.54
CA PHE D 99 -13.48 -22.46 -30.28
C PHE D 99 -13.63 -23.35 -31.51
N PRO D 100 -12.57 -24.06 -31.93
CA PRO D 100 -11.30 -24.18 -31.26
C PRO D 100 -10.24 -23.19 -31.71
N THR D 101 -10.65 -22.26 -32.54
CA THR D 101 -9.67 -21.54 -33.37
C THR D 101 -9.10 -20.26 -32.76
N GLY D 102 -9.59 -19.92 -31.60
CA GLY D 102 -9.08 -18.75 -30.92
C GLY D 102 -9.78 -17.44 -31.27
N ASN D 103 -9.09 -16.36 -30.97
CA ASN D 103 -9.70 -15.04 -31.05
C ASN D 103 -9.37 -14.40 -32.36
N ARG D 104 -10.26 -13.52 -32.78
CA ARG D 104 -10.13 -12.80 -34.06
C ARG D 104 -10.70 -11.40 -33.87
N GLU D 105 -9.94 -10.42 -34.28
CA GLU D 105 -10.38 -9.05 -34.02
C GLU D 105 -10.19 -8.09 -35.16
N SER D 106 -10.89 -6.98 -35.04
CA SER D 106 -10.75 -5.85 -35.94
C SER D 106 -10.76 -4.55 -35.17
N GLN D 107 -10.19 -3.52 -35.76
CA GLN D 107 -10.16 -2.16 -35.15
C GLN D 107 -10.72 -1.10 -36.03
N LEU D 108 -11.18 -0.02 -35.40
CA LEU D 108 -11.51 1.21 -36.13
C LEU D 108 -11.42 2.41 -35.22
N ASN D 109 -11.01 3.52 -35.80
CA ASN D 109 -10.75 4.74 -35.06
C ASN D 109 -12.03 5.52 -35.03
N LEU D 110 -12.44 5.93 -33.85
CA LEU D 110 -13.57 6.86 -33.75
C LEU D 110 -13.05 8.24 -33.37
N THR D 111 -13.27 9.17 -34.27
CA THR D 111 -12.98 10.56 -34.00
C THR D 111 -14.30 11.30 -33.80
N VAL D 112 -14.43 11.99 -32.68
CA VAL D 112 -15.67 12.75 -32.37
C VAL D 112 -15.41 14.21 -32.65
N MET D 113 -16.25 14.84 -33.44
CA MET D 113 -16.04 16.24 -33.84
C MET D 113 -17.02 17.18 -33.13
N ALA D 114 -16.63 18.45 -32.96
CA ALA D 114 -17.49 19.47 -32.32
C ALA D 114 -17.50 20.73 -33.18
N LYS D 115 -18.69 21.19 -33.52
CA LYS D 115 -18.85 22.41 -34.34
C LYS D 115 -18.66 23.63 -33.46
N PRO D 116 -17.78 24.55 -33.84
CA PRO D 116 -17.48 25.72 -32.98
C PRO D 116 -18.60 26.71 -32.88
N THR D 117 -18.46 27.63 -31.94
CA THR D 117 -19.35 28.81 -31.79
C THR D 117 -18.61 30.06 -32.19
N ASN D 118 -19.14 30.78 -33.17
CA ASN D 118 -18.41 31.93 -33.74
C ASN D 118 -19.03 33.28 -33.48
N TRP D 119 -18.17 34.26 -33.22
CA TRP D 119 -18.60 35.67 -33.13
C TRP D 119 -17.51 36.68 -33.21
N ILE D 120 -17.93 37.89 -33.50
CA ILE D 120 -17.04 39.04 -33.59
C ILE D 120 -17.48 40.10 -32.61
N GLU D 121 -16.55 40.85 -32.07
CA GLU D 121 -16.92 41.99 -31.20
C GLU D 121 -15.90 43.12 -31.26
N GLY D 122 -16.41 44.34 -31.32
CA GLY D 122 -15.56 45.55 -31.38
C GLY D 122 -15.11 45.97 -29.99
N THR D 123 -14.20 46.92 -29.95
CA THR D 123 -13.75 47.47 -28.67
C THR D 123 -14.88 48.23 -28.06
N GLN D 124 -14.85 48.31 -26.74
CA GLN D 124 -15.70 49.26 -26.01
C GLN D 124 -15.14 50.67 -26.11
N ALA D 125 -13.84 50.73 -26.41
CA ALA D 125 -13.13 51.99 -26.59
C ALA D 125 -13.72 52.77 -27.74
N VAL D 126 -13.68 54.07 -27.55
CA VAL D 126 -13.98 54.98 -28.64
C VAL D 126 -12.72 55.07 -29.48
N LEU D 127 -12.76 54.49 -30.66
CA LEU D 127 -11.66 54.62 -31.63
C LEU D 127 -11.49 56.10 -32.02
N ARG D 128 -10.26 56.57 -31.87
CA ARG D 128 -9.95 57.97 -32.05
C ARG D 128 -8.65 58.16 -32.79
N ALA D 129 -8.72 58.77 -33.95
CA ALA D 129 -7.52 59.15 -34.69
C ALA D 129 -6.83 60.30 -33.97
N LYS D 130 -5.50 60.32 -34.03
CA LYS D 130 -4.75 61.54 -33.67
C LYS D 130 -3.50 61.71 -34.51
N LYS D 131 -3.28 62.93 -34.96
CA LYS D 131 -2.07 63.27 -35.74
C LYS D 131 -0.82 62.98 -34.91
N GLY D 132 0.09 62.21 -35.47
CA GLY D 132 1.34 61.81 -34.78
C GLY D 132 1.27 60.50 -33.98
N GLN D 133 0.06 60.02 -33.77
CA GLN D 133 -0.15 58.72 -33.12
C GLN D 133 0.09 57.61 -34.17
N ASP D 134 1.20 56.92 -33.99
CA ASP D 134 1.58 55.77 -34.81
C ASP D 134 1.13 54.49 -34.14
N ASP D 135 0.43 54.63 -33.01
CA ASP D 135 0.13 53.49 -32.09
C ASP D 135 -1.07 52.66 -32.56
N LYS D 136 -0.83 51.37 -32.78
CA LYS D 136 -1.89 50.43 -33.19
C LYS D 136 -2.82 50.13 -32.03
N VAL D 137 -4.10 50.08 -32.33
CA VAL D 137 -5.10 49.88 -31.29
C VAL D 137 -6.04 48.72 -31.67
N LEU D 138 -6.50 47.99 -30.66
CA LEU D 138 -7.44 46.87 -30.90
C LEU D 138 -8.75 47.45 -31.40
N VAL D 139 -9.27 46.87 -32.47
CA VAL D 139 -10.56 47.33 -33.00
C VAL D 139 -11.60 46.24 -33.11
N ALA D 140 -11.19 45.00 -33.21
CA ALA D 140 -12.14 43.87 -33.28
C ALA D 140 -11.50 42.56 -32.84
N THR D 141 -12.34 41.70 -32.30
CA THR D 141 -11.91 40.39 -31.86
C THR D 141 -12.83 39.38 -32.46
N CYS D 142 -12.24 38.39 -33.10
CA CYS D 142 -13.01 37.28 -33.68
C CYS D 142 -12.73 36.00 -32.91
N THR D 143 -13.79 35.35 -32.46
CA THR D 143 -13.66 34.11 -31.68
C THR D 143 -14.40 32.96 -32.29
N SER D 144 -13.72 31.85 -32.43
CA SER D 144 -14.34 30.59 -32.81
C SER D 144 -14.10 29.61 -31.68
N ALA D 145 -15.14 29.44 -30.87
CA ALA D 145 -15.01 28.76 -29.55
C ALA D 145 -15.34 27.26 -29.55
N ASN D 146 -14.52 26.53 -28.81
CA ASN D 146 -14.74 25.08 -28.54
C ASN D 146 -15.02 24.20 -29.76
N GLY D 147 -14.24 24.45 -30.82
CA GLY D 147 -14.31 23.66 -32.06
C GLY D 147 -13.35 22.49 -32.03
N LYS D 148 -13.70 21.45 -32.74
CA LYS D 148 -12.81 20.29 -32.91
C LYS D 148 -13.12 19.56 -34.19
N PRO D 149 -12.14 19.46 -35.11
CA PRO D 149 -10.81 20.02 -34.97
C PRO D 149 -10.89 21.54 -35.00
N PRO D 150 -9.80 22.23 -34.70
CA PRO D 150 -9.84 23.66 -34.62
C PRO D 150 -10.19 24.20 -35.94
N SER D 151 -10.97 25.28 -35.90
CA SER D 151 -11.39 25.97 -37.12
C SER D 151 -10.27 26.88 -37.54
N VAL D 152 -10.44 27.55 -38.66
CA VAL D 152 -9.41 28.45 -39.18
C VAL D 152 -9.99 29.86 -39.25
N VAL D 153 -9.33 30.78 -38.54
CA VAL D 153 -9.83 32.14 -38.43
C VAL D 153 -9.01 33.06 -39.32
N SER D 154 -9.71 33.98 -39.94
CA SER D 154 -9.11 34.97 -40.83
C SER D 154 -10.01 36.21 -41.00
N TRP D 155 -9.48 37.25 -41.62
CA TRP D 155 -10.20 38.52 -41.80
C TRP D 155 -10.41 38.87 -43.24
N GLU D 156 -11.46 39.63 -43.46
CA GLU D 156 -11.78 40.13 -44.78
C GLU D 156 -12.12 41.60 -44.66
N THR D 157 -11.16 42.40 -45.09
CA THR D 157 -11.27 43.83 -44.98
C THR D 157 -10.29 44.47 -45.93
N ARG D 158 -10.61 45.70 -46.30
CA ARG D 158 -9.69 46.52 -47.13
C ARG D 158 -8.80 47.39 -46.26
N LEU D 159 -9.08 47.38 -44.97
CA LEU D 159 -8.21 48.00 -43.99
C LEU D 159 -6.86 47.33 -44.08
N LYS D 160 -5.82 48.10 -43.75
CA LYS D 160 -4.46 47.54 -43.77
C LYS D 160 -3.81 47.50 -42.38
N GLY D 161 -4.44 46.71 -41.52
CA GLY D 161 -4.02 46.52 -40.14
C GLY D 161 -3.35 45.19 -39.93
N GLU D 162 -3.07 44.90 -38.68
CA GLU D 162 -2.39 43.66 -38.29
C GLU D 162 -3.34 42.75 -37.54
N ALA D 163 -3.27 41.47 -37.85
CA ALA D 163 -4.03 40.46 -37.10
C ALA D 163 -3.09 39.53 -36.36
N GLU D 164 -3.43 39.31 -35.11
CA GLU D 164 -2.76 38.33 -34.24
C GLU D 164 -3.73 37.18 -34.01
N TYR D 165 -3.20 35.99 -33.80
CA TYR D 165 -4.07 34.81 -33.64
C TYR D 165 -3.65 33.98 -32.46
N GLN D 166 -4.63 33.43 -31.76
CA GLN D 166 -4.39 32.59 -30.57
C GLN D 166 -5.25 31.35 -30.52
N GLU D 167 -4.64 30.23 -30.15
CA GLU D 167 -5.34 28.95 -30.00
C GLU D 167 -5.24 28.44 -28.60
N ILE D 168 -6.38 28.20 -28.03
CA ILE D 168 -6.46 27.70 -26.64
C ILE D 168 -7.02 26.27 -26.63
N ARG D 169 -6.18 25.31 -26.28
CA ARG D 169 -6.61 23.92 -26.34
C ARG D 169 -7.22 23.62 -24.99
N ASN D 170 -8.50 23.33 -25.00
CA ASN D 170 -9.24 23.07 -23.76
C ASN D 170 -8.99 21.64 -23.34
N PRO D 171 -9.16 21.35 -22.05
CA PRO D 171 -8.90 20.02 -21.58
C PRO D 171 -9.76 18.96 -22.29
N ASN D 172 -11.02 19.27 -22.58
CA ASN D 172 -11.91 18.30 -23.24
C ASN D 172 -11.52 17.98 -24.69
N GLY D 173 -10.52 18.69 -25.18
CA GLY D 173 -9.96 18.38 -26.51
C GLY D 173 -10.40 19.32 -27.60
N THR D 174 -11.44 20.11 -27.32
CA THR D 174 -11.86 21.17 -28.24
C THR D 174 -10.80 22.28 -28.25
N VAL D 175 -10.89 23.20 -29.18
CA VAL D 175 -9.92 24.32 -29.33
C VAL D 175 -10.61 25.62 -29.70
N THR D 176 -10.41 26.61 -28.84
CA THR D 176 -10.93 27.97 -29.07
C THR D 176 -9.85 28.78 -29.80
N VAL D 177 -10.25 29.44 -30.87
CA VAL D 177 -9.33 30.22 -31.72
C VAL D 177 -9.78 31.63 -31.65
N ILE D 178 -8.89 32.49 -31.23
CA ILE D 178 -9.17 33.94 -31.10
C ILE D 178 -8.24 34.76 -32.00
N SER D 179 -8.80 35.71 -32.70
CA SER D 179 -8.00 36.65 -33.46
C SER D 179 -8.31 38.07 -33.07
N ARG D 180 -7.26 38.84 -32.88
CA ARG D 180 -7.38 40.24 -32.52
C ARG D 180 -6.87 41.08 -33.65
N TYR D 181 -7.74 41.97 -34.10
CA TYR D 181 -7.42 42.89 -35.23
C TYR D 181 -7.09 44.30 -34.73
N ARG D 182 -5.89 44.73 -35.06
CA ARG D 182 -5.41 46.02 -34.59
C ARG D 182 -5.03 46.93 -35.75
N LEU D 183 -5.22 48.22 -35.57
CA LEU D 183 -4.72 49.21 -36.53
C LEU D 183 -4.54 50.57 -35.91
N VAL D 184 -3.86 51.41 -36.64
CA VAL D 184 -3.71 52.81 -36.23
C VAL D 184 -4.89 53.63 -36.80
N PRO D 185 -5.80 54.10 -35.92
CA PRO D 185 -7.03 54.75 -36.32
C PRO D 185 -6.79 56.04 -37.11
N SER D 186 -7.55 56.15 -38.19
CA SER D 186 -7.40 57.24 -39.18
C SER D 186 -8.74 57.64 -39.76
N ARG D 187 -8.78 58.80 -40.40
CA ARG D 187 -10.00 59.28 -41.10
C ARG D 187 -10.54 58.20 -42.05
N GLU D 188 -9.67 57.69 -42.89
CA GLU D 188 -10.06 56.68 -43.92
C GLU D 188 -10.58 55.40 -43.31
N ALA D 189 -10.13 55.10 -42.12
CA ALA D 189 -10.56 53.87 -41.45
C ALA D 189 -11.99 53.93 -40.97
N HIS D 190 -12.52 55.12 -40.88
CA HIS D 190 -13.90 55.32 -40.43
C HIS D 190 -14.91 54.83 -41.43
N GLN D 191 -15.88 54.12 -40.90
CA GLN D 191 -16.95 53.49 -41.70
C GLN D 191 -16.50 52.38 -42.61
N GLN D 192 -15.26 52.02 -42.51
CA GLN D 192 -14.74 50.82 -43.20
C GLN D 192 -15.32 49.54 -42.60
N SER D 193 -15.63 48.57 -43.44
CA SER D 193 -16.17 47.30 -42.90
C SER D 193 -15.04 46.32 -42.63
N LEU D 194 -15.22 45.59 -41.54
CA LEU D 194 -14.25 44.60 -41.09
C LEU D 194 -15.00 43.32 -40.73
N ALA D 195 -14.62 42.26 -41.40
CA ALA D 195 -15.38 41.01 -41.37
C ALA D 195 -14.52 39.87 -40.93
N CYS D 196 -14.93 39.22 -39.88
CA CYS D 196 -14.21 38.04 -39.42
C CYS D 196 -14.81 36.81 -40.09
N ILE D 197 -13.90 35.91 -40.42
CA ILE D 197 -14.23 34.75 -41.24
C ILE D 197 -13.70 33.50 -40.57
N VAL D 198 -14.56 32.52 -40.45
CA VAL D 198 -14.15 31.24 -39.86
C VAL D 198 -14.53 30.06 -40.75
N ASN D 199 -13.54 29.25 -41.07
CA ASN D 199 -13.72 28.04 -41.87
C ASN D 199 -13.68 26.79 -41.02
N TYR D 200 -14.78 26.08 -41.00
CA TYR D 200 -14.83 24.81 -40.28
C TYR D 200 -15.49 23.74 -41.14
N HIS D 201 -14.73 22.70 -41.42
CA HIS D 201 -15.27 21.52 -42.14
C HIS D 201 -15.98 21.92 -43.43
N MET D 202 -15.33 22.80 -44.19
CA MET D 202 -15.83 23.31 -45.50
C MET D 202 -17.06 24.26 -45.47
N ASP D 203 -17.51 24.57 -44.28
CA ASP D 203 -18.42 25.72 -44.09
C ASP D 203 -17.59 26.98 -43.97
N ARG D 204 -18.11 28.06 -44.52
CA ARG D 204 -17.51 29.39 -44.31
C ARG D 204 -18.46 30.35 -43.56
N PHE D 205 -18.17 30.61 -42.29
CA PHE D 205 -18.95 31.57 -41.47
C PHE D 205 -18.37 32.98 -41.59
N LYS D 206 -19.26 33.96 -41.63
CA LYS D 206 -18.86 35.38 -41.80
C LYS D 206 -19.69 36.34 -40.95
N GLU D 207 -19.02 37.26 -40.28
CA GLU D 207 -19.67 38.29 -39.47
C GLU D 207 -18.93 39.62 -39.49
N SER D 208 -19.68 40.70 -39.70
CA SER D 208 -19.09 42.04 -39.97
C SER D 208 -19.29 43.07 -38.86
N LEU D 209 -18.37 44.01 -38.85
CA LEU D 209 -18.49 45.28 -38.15
C LEU D 209 -18.32 46.37 -39.16
N THR D 210 -18.84 47.54 -38.82
CA THR D 210 -18.38 48.77 -39.45
C THR D 210 -17.75 49.63 -38.38
N LEU D 211 -16.52 50.03 -38.63
CA LEU D 211 -15.74 50.84 -37.69
C LEU D 211 -16.33 52.24 -37.48
N ASN D 212 -16.20 52.71 -36.27
CA ASN D 212 -16.53 54.08 -35.94
C ASN D 212 -15.30 54.78 -35.34
N VAL D 213 -14.67 55.58 -36.17
CA VAL D 213 -13.46 56.32 -35.77
C VAL D 213 -13.77 57.80 -35.69
N GLN D 214 -13.53 58.34 -34.51
CA GLN D 214 -13.69 59.78 -34.27
C GLN D 214 -12.41 60.55 -34.63
N TYR D 215 -12.57 61.74 -35.18
CA TYR D 215 -11.43 62.57 -35.60
C TYR D 215 -11.70 64.05 -35.63
N GLU D 216 -10.63 64.81 -35.39
CA GLU D 216 -10.64 66.29 -35.45
C GLU D 216 -11.08 66.76 -36.86
N PRO D 217 -11.80 67.89 -36.95
CA PRO D 217 -12.32 68.34 -38.25
C PRO D 217 -11.25 68.68 -39.28
N GLU D 218 -11.51 68.29 -40.51
CA GLU D 218 -10.67 68.68 -41.64
C GLU D 218 -11.47 69.65 -42.49
N VAL D 219 -11.00 70.89 -42.53
CA VAL D 219 -11.81 72.01 -43.02
C VAL D 219 -11.58 72.34 -44.49
N THR D 220 -12.69 72.51 -45.19
CA THR D 220 -12.73 72.90 -46.60
C THR D 220 -13.64 74.12 -46.72
N ILE D 221 -13.30 75.05 -47.58
CA ILE D 221 -14.18 76.18 -47.86
C ILE D 221 -14.50 76.24 -49.35
N GLU D 222 -15.78 76.19 -49.66
CA GLU D 222 -16.24 76.19 -51.05
C GLU D 222 -16.91 77.50 -51.40
N GLY D 223 -17.68 77.49 -52.46
CA GLY D 223 -18.43 78.69 -52.88
C GLY D 223 -17.60 79.83 -53.48
N PHE D 224 -16.28 79.71 -53.40
CA PHE D 224 -15.39 80.70 -54.06
C PHE D 224 -15.27 80.36 -55.55
N ASP D 225 -15.22 81.42 -56.33
CA ASP D 225 -15.27 81.35 -57.80
C ASP D 225 -14.05 82.04 -58.39
N GLY D 226 -13.57 81.52 -59.51
CA GLY D 226 -12.47 82.16 -60.28
C GLY D 226 -12.59 83.69 -60.39
N ASN D 227 -13.73 84.13 -60.90
CA ASN D 227 -14.01 85.58 -61.02
C ASN D 227 -15.04 86.07 -59.98
N TRP D 228 -14.67 87.15 -59.31
CA TRP D 228 -15.58 87.90 -58.41
C TRP D 228 -15.51 89.37 -58.70
N TYR D 229 -16.65 89.87 -59.17
CA TYR D 229 -16.76 91.22 -59.72
C TYR D 229 -16.35 92.28 -58.74
N LEU D 230 -16.08 93.44 -59.31
CA LEU D 230 -16.45 94.65 -58.65
C LEU D 230 -17.96 94.54 -58.62
N GLN D 231 -18.51 94.75 -57.44
CA GLN D 231 -19.96 94.99 -57.26
C GLN D 231 -20.88 93.85 -57.72
N ARG D 232 -20.42 92.62 -57.53
CA ARG D 232 -21.27 91.43 -57.69
C ARG D 232 -22.26 91.37 -56.53
N MET D 233 -23.42 90.81 -56.80
CA MET D 233 -24.50 90.77 -55.80
C MET D 233 -24.37 89.55 -54.90
N ASP D 234 -24.67 89.78 -53.63
CA ASP D 234 -25.21 88.75 -52.70
C ASP D 234 -24.58 87.37 -52.72
N VAL D 235 -23.28 87.34 -52.56
CA VAL D 235 -22.48 86.10 -52.76
C VAL D 235 -22.03 85.45 -51.44
N LYS D 236 -22.06 84.12 -51.41
CA LYS D 236 -21.77 83.34 -50.16
C LYS D 236 -20.47 82.51 -50.19
N LEU D 237 -19.92 82.34 -49.00
CA LEU D 237 -18.88 81.33 -48.72
C LEU D 237 -19.43 80.27 -47.75
N THR D 238 -19.09 79.03 -48.03
CA THR D 238 -19.63 77.92 -47.23
C THR D 238 -18.54 76.95 -46.73
N CYS D 239 -18.53 76.73 -45.42
CA CYS D 239 -17.47 75.97 -44.71
C CYS D 239 -17.90 74.54 -44.38
N LYS D 240 -17.59 73.63 -45.29
CA LYS D 240 -17.86 72.19 -45.09
C LYS D 240 -16.73 71.52 -44.29
N ALA D 241 -17.05 71.14 -43.06
CA ALA D 241 -16.08 70.51 -42.13
C ALA D 241 -16.33 69.03 -41.96
N ASP D 242 -15.42 68.26 -42.51
CA ASP D 242 -15.42 66.78 -42.39
C ASP D 242 -14.93 66.36 -41.00
N ALA D 243 -15.87 65.87 -40.21
CA ALA D 243 -15.58 65.48 -38.82
C ALA D 243 -16.52 64.41 -38.32
N ASN D 244 -15.99 63.65 -37.37
CA ASN D 244 -16.79 62.66 -36.63
C ASN D 244 -16.34 62.64 -35.17
N PRO D 245 -17.27 62.88 -34.24
CA PRO D 245 -18.64 63.29 -34.49
C PRO D 245 -18.69 64.63 -35.23
N PRO D 246 -19.85 64.96 -35.82
CA PRO D 246 -19.98 66.17 -36.61
C PRO D 246 -19.62 67.41 -35.81
N ALA D 247 -19.12 68.41 -36.51
CA ALA D 247 -18.72 69.68 -35.91
C ALA D 247 -19.94 70.46 -35.42
N THR D 248 -19.82 71.03 -34.23
CA THR D 248 -20.95 71.74 -33.55
C THR D 248 -20.78 73.27 -33.44
N GLU D 249 -19.59 73.76 -33.77
CA GLU D 249 -19.31 75.22 -33.79
C GLU D 249 -18.52 75.69 -35.01
N TYR D 250 -18.96 76.79 -35.58
CA TYR D 250 -18.27 77.41 -36.71
C TYR D 250 -18.03 78.90 -36.48
N HIS D 251 -16.77 79.27 -36.39
CA HIS D 251 -16.37 80.67 -36.11
C HIS D 251 -15.49 81.27 -37.18
N TRP D 252 -15.91 82.43 -37.64
CA TRP D 252 -15.26 83.12 -38.76
C TRP D 252 -14.32 84.25 -38.34
N THR D 253 -13.32 84.47 -39.17
CA THR D 253 -12.30 85.54 -38.98
C THR D 253 -11.52 85.78 -40.26
N THR D 254 -10.77 86.87 -40.28
CA THR D 254 -9.81 87.15 -41.36
C THR D 254 -8.37 86.95 -40.87
N LEU D 255 -7.44 86.87 -41.80
CA LEU D 255 -6.00 86.72 -41.45
C LEU D 255 -5.43 88.00 -40.82
N ASN D 256 -6.18 89.08 -40.99
CA ASN D 256 -5.82 90.39 -40.40
C ASN D 256 -6.71 90.80 -39.24
N GLY D 257 -7.31 89.79 -38.62
CA GLY D 257 -8.15 89.95 -37.41
C GLY D 257 -9.62 90.27 -37.65
N SER D 258 -9.85 91.44 -38.23
CA SER D 258 -11.22 92.05 -38.27
C SER D 258 -12.04 91.73 -39.53
N LEU D 259 -13.35 91.66 -39.30
CA LEU D 259 -14.35 91.34 -40.35
C LEU D 259 -14.80 92.60 -41.09
N PRO D 260 -14.40 92.73 -42.38
CA PRO D 260 -14.80 93.87 -43.19
C PRO D 260 -16.30 93.99 -43.34
N LYS D 261 -16.85 95.04 -42.75
CA LYS D 261 -18.24 95.44 -43.01
C LYS D 261 -18.38 95.64 -44.53
N GLY D 262 -19.40 95.08 -45.14
CA GLY D 262 -20.42 94.28 -44.44
C GLY D 262 -20.39 92.83 -44.85
N VAL D 263 -19.82 92.01 -43.98
CA VAL D 263 -19.84 90.55 -44.16
C VAL D 263 -20.55 89.88 -42.97
N GLU D 264 -21.74 89.33 -43.22
CA GLU D 264 -22.55 88.75 -42.14
C GLU D 264 -22.26 87.25 -41.96
N ALA D 265 -22.14 86.84 -40.70
CA ALA D 265 -21.89 85.43 -40.36
C ALA D 265 -23.15 84.77 -39.80
N GLN D 266 -23.62 83.81 -40.57
CA GLN D 266 -24.62 82.88 -40.13
C GLN D 266 -23.72 81.63 -40.20
N ASN D 267 -23.86 80.79 -39.19
CA ASN D 267 -22.78 79.87 -38.79
C ASN D 267 -22.51 78.95 -39.94
N ARG D 268 -21.26 78.95 -40.36
CA ARG D 268 -20.84 77.96 -41.34
C ARG D 268 -21.36 78.38 -42.71
N THR D 269 -21.97 79.54 -42.73
CA THR D 269 -22.16 80.31 -43.97
C THR D 269 -21.72 81.76 -43.73
N LEU D 270 -21.03 82.29 -44.72
CA LEU D 270 -20.40 83.64 -44.61
C LEU D 270 -20.88 84.49 -45.79
N PHE D 271 -21.94 85.25 -45.52
CA PHE D 271 -22.63 86.06 -46.56
C PHE D 271 -22.00 87.41 -46.81
N PHE D 272 -21.86 87.71 -48.08
CA PHE D 272 -21.51 89.07 -48.55
C PHE D 272 -22.72 89.71 -49.19
N LYS D 273 -23.22 90.72 -48.50
CA LYS D 273 -24.42 91.43 -48.92
C LYS D 273 -24.11 92.26 -50.17
N GLY D 274 -24.93 92.08 -51.17
CA GLY D 274 -25.00 92.98 -52.35
C GLY D 274 -23.64 93.41 -52.88
N PRO D 275 -23.31 94.70 -52.72
CA PRO D 275 -22.15 95.27 -53.36
C PRO D 275 -20.82 94.73 -52.80
N ILE D 276 -19.92 94.40 -53.72
CA ILE D 276 -18.52 94.03 -53.43
C ILE D 276 -17.63 95.17 -53.93
N ASN D 277 -16.44 95.27 -53.37
CA ASN D 277 -15.51 96.35 -53.75
C ASN D 277 -14.07 95.87 -53.80
N TYR D 278 -13.13 96.80 -53.85
CA TYR D 278 -11.70 96.42 -53.83
C TYR D 278 -11.19 96.15 -52.41
N SER D 279 -11.92 96.66 -51.43
CA SER D 279 -11.86 96.15 -50.06
C SER D 279 -12.55 94.80 -50.14
N LEU D 280 -12.51 94.05 -49.05
CA LEU D 280 -12.96 92.62 -49.03
C LEU D 280 -11.87 91.70 -49.63
N ALA D 281 -10.73 92.31 -49.93
CA ALA D 281 -9.53 91.53 -50.23
C ALA D 281 -9.18 90.90 -48.90
N GLY D 282 -8.76 89.64 -48.93
CA GLY D 282 -8.27 88.98 -47.73
C GLY D 282 -8.50 87.50 -47.57
N THR D 283 -7.62 86.93 -46.78
CA THR D 283 -7.73 85.55 -46.35
C THR D 283 -8.92 85.42 -45.40
N TYR D 284 -9.78 84.45 -45.67
CA TYR D 284 -10.90 84.13 -44.78
C TYR D 284 -10.74 82.75 -44.17
N ILE D 285 -11.07 82.68 -42.89
CA ILE D 285 -10.83 81.45 -42.12
C ILE D 285 -12.06 81.01 -41.36
N CYS D 286 -12.38 79.74 -41.53
CA CYS D 286 -13.45 79.08 -40.76
C CYS D 286 -12.76 78.24 -39.71
N GLU D 287 -13.21 78.39 -38.47
CA GLU D 287 -12.66 77.57 -37.37
C GLU D 287 -13.72 76.63 -36.82
N ALA D 288 -13.62 75.38 -37.25
CA ALA D 288 -14.60 74.32 -36.89
C ALA D 288 -14.18 73.61 -35.62
N THR D 289 -15.17 73.21 -34.85
CA THR D 289 -14.91 72.56 -33.58
C THR D 289 -15.80 71.36 -33.40
N ASN D 290 -15.20 70.32 -32.89
CA ASN D 290 -15.94 69.12 -32.48
C ASN D 290 -15.28 68.50 -31.25
N PRO D 291 -15.99 67.59 -30.54
CA PRO D 291 -15.54 66.99 -29.28
C PRO D 291 -14.07 66.59 -29.26
N ILE D 292 -13.59 66.16 -30.41
CA ILE D 292 -12.15 65.90 -30.58
C ILE D 292 -11.37 67.20 -30.64
N GLY D 293 -11.88 68.11 -31.45
CA GLY D 293 -10.97 69.00 -32.16
C GLY D 293 -11.26 70.47 -32.21
N THR D 294 -10.35 71.14 -32.87
CA THR D 294 -10.56 72.48 -33.46
C THR D 294 -9.47 72.67 -34.49
N ARG D 295 -9.87 73.25 -35.60
CA ARG D 295 -9.01 73.32 -36.77
C ARG D 295 -9.62 74.28 -37.76
N SER D 296 -8.80 74.75 -38.68
CA SER D 296 -9.26 75.79 -39.60
C SER D 296 -8.85 75.58 -41.05
N GLY D 297 -9.55 76.31 -41.90
CA GLY D 297 -9.25 76.37 -43.34
C GLY D 297 -9.16 77.83 -43.75
N GLN D 298 -8.74 78.05 -44.98
CA GLN D 298 -8.50 79.42 -45.48
C GLN D 298 -8.92 79.56 -46.93
N VAL D 299 -9.20 80.78 -47.33
CA VAL D 299 -9.41 81.12 -48.74
C VAL D 299 -8.85 82.52 -49.04
N GLU D 300 -8.05 82.60 -50.10
CA GLU D 300 -7.64 83.91 -50.63
C GLU D 300 -8.73 84.38 -51.59
N VAL D 301 -9.30 85.53 -51.26
CA VAL D 301 -10.42 86.11 -52.02
C VAL D 301 -9.95 87.27 -52.92
N ASN D 302 -10.00 87.04 -54.21
CA ASN D 302 -9.66 88.09 -55.19
C ASN D 302 -10.88 88.64 -55.91
N ILE D 303 -10.82 89.94 -56.11
CA ILE D 303 -11.95 90.70 -56.67
C ILE D 303 -11.44 91.69 -57.68
N THR D 304 -11.98 91.58 -58.89
CA THR D 304 -11.59 92.45 -60.01
C THR D 304 -12.77 92.80 -60.93
N GLU D 305 -12.53 93.77 -61.79
CA GLU D 305 -13.51 94.21 -62.82
C GLU D 305 -13.79 93.14 -63.88
N PHE D 306 -13.11 92.01 -63.74
CA PHE D 306 -13.32 90.84 -64.61
C PHE D 306 -14.71 90.18 -64.39
N PRO D 307 -15.20 89.46 -65.40
CA PRO D 307 -16.35 88.59 -65.32
C PRO D 307 -16.02 87.11 -65.39
#